data_4L63
#
_entry.id   4L63
#
_cell.length_a   120.530
_cell.length_b   120.530
_cell.length_c   273.510
_cell.angle_alpha   90.00
_cell.angle_beta   90.00
_cell.angle_gamma   120.00
#
_symmetry.space_group_name_H-M   'P 65 2 2'
#
loop_
_entity.id
_entity.type
_entity.pdbx_description
1 polymer ECXA
2 polymer ECXB
3 non-polymer 'ZINC ION'
4 non-polymer '4-(2-HYDROXYETHYL)-1-PIPERAZINE ETHANESULFONIC ACID'
5 water water
#
loop_
_entity_poly.entity_id
_entity_poly.type
_entity_poly.pdbx_seq_one_letter_code
_entity_poly.pdbx_strand_id
1 'polypeptide(L)'
;MAERTPNEEKKVIGYADHNGQLYNITSIYGPVINYTVPDENITINTINSTGERTQLTINYSDYVREAFNEWAPSGIRVQQ
VSSSGAEARVVSFSTTNYADNSLGSTIFDPSGNSRTRIDIGSFNRIVMNNFEKLKSRGAIPANMSPEEYIKLKLRITIKH
EIGHILGLLHNNEGGSYFPHGVGLEVARCRLLNQAPSIMLNGSNYDYIDRLSHYLERPVTETDIGPSRNDIEGVRVMRRG
GSGNSFTNRFSCLGLGLAFSRSGGDL
;
A
2 'polypeptide(L)'
;MTPQNITDLCNEYQNTMIYSLNKEIATYTESLAGKREMVIISFSNGATFQVEVPGSQHLESQKRPLERMKDTLRAAYFTG
IKISKLCAWTNKSPNSIAAIELSNLEHHHHHH
;
B,C,D,E,F
#
# COMPACT_ATOMS: atom_id res chain seq x y z
N ALA A 2 7.53 18.37 4.12
CA ALA A 2 6.56 18.05 5.17
C ALA A 2 6.97 16.81 5.94
N GLU A 3 6.62 16.76 7.21
CA GLU A 3 6.92 15.60 8.04
C GLU A 3 5.98 14.44 7.74
N ARG A 4 6.19 13.31 8.41
CA ARG A 4 5.34 12.16 8.14
C ARG A 4 4.24 12.01 9.17
N THR A 5 3.01 12.24 8.74
CA THR A 5 1.84 12.11 9.59
C THR A 5 1.67 10.66 10.03
N PRO A 6 1.54 10.43 11.35
CA PRO A 6 1.32 9.09 11.89
C PRO A 6 0.05 8.46 11.32
N ASN A 7 0.04 7.14 11.14
CA ASN A 7 -1.14 6.46 10.58
C ASN A 7 -2.40 6.78 11.36
N GLU A 8 -2.29 6.84 12.68
CA GLU A 8 -3.48 7.06 13.50
C GLU A 8 -4.16 8.40 13.20
N GLU A 9 -3.39 9.38 12.72
CA GLU A 9 -3.96 10.69 12.36
C GLU A 9 -4.47 10.76 10.92
N LYS A 10 -4.23 9.71 10.15
CA LYS A 10 -4.72 9.62 8.76
C LYS A 10 -5.89 8.64 8.65
N LYS A 11 -6.28 8.06 9.78
CA LYS A 11 -7.34 7.06 9.81
C LYS A 11 -8.68 7.74 9.78
N VAL A 12 -9.57 7.27 8.92
CA VAL A 12 -10.87 7.90 8.72
C VAL A 12 -11.96 6.89 9.02
N ILE A 13 -12.93 7.31 9.82
CA ILE A 13 -13.98 6.42 10.29
C ILE A 13 -15.33 6.90 9.77
N GLY A 14 -16.09 6.00 9.15
CA GLY A 14 -17.38 6.33 8.60
C GLY A 14 -18.49 5.73 9.43
N TYR A 15 -19.70 6.26 9.31
CA TYR A 15 -20.84 5.82 10.11
C TYR A 15 -21.55 4.66 9.47
N ALA A 16 -21.54 3.51 10.11
CA ALA A 16 -22.23 2.33 9.61
C ALA A 16 -23.47 2.07 10.46
N ASP A 17 -24.45 1.35 9.91
CA ASP A 17 -25.64 1.05 10.70
C ASP A 17 -25.44 -0.17 11.59
N HIS A 18 -26.54 -0.71 12.11
CA HIS A 18 -26.46 -1.77 13.11
C HIS A 18 -26.10 -3.11 12.48
N ASN A 19 -26.02 -3.16 11.15
CA ASN A 19 -25.59 -4.37 10.46
C ASN A 19 -24.38 -4.15 9.56
N GLY A 20 -23.47 -3.28 9.97
CA GLY A 20 -22.19 -3.11 9.31
C GLY A 20 -22.22 -2.50 7.92
N GLN A 21 -23.35 -1.89 7.56
CA GLN A 21 -23.46 -1.24 6.26
C GLN A 21 -23.31 0.26 6.43
N LEU A 22 -22.42 0.84 5.63
CA LEU A 22 -22.15 2.28 5.69
C LEU A 22 -23.36 3.07 5.21
N TYR A 23 -23.70 4.12 5.95
CA TYR A 23 -24.78 4.99 5.51
C TYR A 23 -24.41 5.63 4.17
N ASN A 24 -25.40 5.70 3.30
CA ASN A 24 -25.24 6.25 1.96
C ASN A 24 -25.75 7.69 1.94
N ILE A 25 -24.84 8.66 1.94
CA ILE A 25 -25.25 10.05 2.07
C ILE A 25 -25.90 10.56 0.77
N THR A 26 -25.72 9.83 -0.32
CA THR A 26 -26.43 10.15 -1.57
C THR A 26 -27.89 9.76 -1.40
N SER A 27 -28.13 8.57 -0.83
CA SER A 27 -29.49 8.11 -0.57
C SER A 27 -30.17 8.96 0.51
N ILE A 28 -29.40 9.37 1.51
CA ILE A 28 -29.93 10.10 2.65
C ILE A 28 -30.30 11.53 2.28
N TYR A 29 -29.42 12.23 1.58
CA TYR A 29 -29.65 13.64 1.27
C TYR A 29 -30.19 13.89 -0.13
N GLY A 30 -30.08 12.90 -0.99
CA GLY A 30 -30.35 13.08 -2.41
C GLY A 30 -29.03 13.35 -3.10
N PRO A 31 -29.03 13.41 -4.44
CA PRO A 31 -27.81 13.71 -5.22
C PRO A 31 -27.22 15.07 -4.86
N VAL A 32 -28.05 15.99 -4.41
CA VAL A 32 -27.63 17.33 -4.01
C VAL A 32 -28.00 17.62 -2.55
N ILE A 33 -27.05 18.14 -1.78
CA ILE A 33 -27.31 18.37 -0.36
C ILE A 33 -27.93 19.75 -0.11
N ASN A 34 -29.23 19.75 0.16
CA ASN A 34 -29.97 20.96 0.41
C ASN A 34 -29.82 21.36 1.88
N TYR A 35 -29.46 22.61 2.15
CA TYR A 35 -29.27 23.00 3.55
C TYR A 35 -29.74 24.41 3.87
N THR A 36 -30.17 24.62 5.11
CA THR A 36 -30.65 25.92 5.56
C THR A 36 -29.66 26.60 6.49
N VAL A 37 -29.51 27.92 6.34
CA VAL A 37 -28.64 28.71 7.20
C VAL A 37 -29.29 30.04 7.57
N PRO A 38 -29.58 30.25 8.85
CA PRO A 38 -30.24 31.47 9.31
C PRO A 38 -29.43 32.77 9.15
N ASP A 39 -30.13 33.89 8.98
CA ASP A 39 -29.64 35.16 8.44
C ASP A 39 -28.50 35.82 9.21
N GLU A 40 -28.51 35.70 10.53
CA GLU A 40 -27.59 36.47 11.33
C GLU A 40 -26.14 36.19 10.98
N ASN A 41 -25.34 37.22 11.08
CA ASN A 41 -23.91 37.09 11.23
C ASN A 41 -23.65 36.58 12.64
N ILE A 42 -22.62 35.78 12.81
CA ILE A 42 -22.29 35.25 14.12
C ILE A 42 -21.58 36.31 14.97
N THR A 43 -22.07 36.50 16.20
CA THR A 43 -21.48 37.45 17.13
C THR A 43 -20.81 36.71 18.29
N ILE A 44 -19.56 36.30 18.07
CA ILE A 44 -18.60 35.86 19.09
C ILE A 44 -17.77 37.03 19.57
N ASN A 45 -17.55 37.22 20.88
CA ASN A 45 -16.32 37.90 21.42
C ASN A 45 -15.89 37.61 22.87
N THR A 46 -14.57 37.56 23.04
CA THR A 46 -13.92 37.18 24.31
C THR A 46 -13.27 38.37 25.06
N ILE A 47 -12.88 38.14 26.31
CA ILE A 47 -12.16 39.14 27.09
C ILE A 47 -10.79 38.55 27.52
N ASN A 48 -9.74 39.35 27.37
CA ASN A 48 -8.39 38.92 27.74
C ASN A 48 -7.61 40.01 28.47
N ARG A 53 -10.38 42.51 25.86
CA ARG A 53 -11.59 42.18 25.11
C ARG A 53 -11.33 42.21 23.60
N THR A 54 -11.87 41.22 22.90
CA THR A 54 -11.75 41.16 21.43
C THR A 54 -13.05 41.60 20.77
N GLN A 55 -13.06 41.90 19.48
CA GLN A 55 -14.36 41.98 18.81
C GLN A 55 -14.40 41.50 17.32
N LEU A 56 -15.45 40.73 17.00
CA LEU A 56 -15.63 40.07 15.69
C LEU A 56 -17.09 39.66 15.34
N THR A 57 -17.50 39.90 14.09
CA THR A 57 -18.78 39.39 13.55
C THR A 57 -18.61 38.96 12.08
N ILE A 58 -19.26 37.87 11.67
CA ILE A 58 -19.11 37.38 10.30
C ILE A 58 -20.32 36.51 9.94
N ASN A 59 -20.63 36.44 8.66
CA ASN A 59 -21.83 35.75 8.20
C ASN A 59 -21.69 34.22 8.22
N TYR A 60 -22.63 33.59 8.90
CA TYR A 60 -22.71 32.14 9.03
C TYR A 60 -22.74 31.48 7.66
N SER A 61 -23.43 32.15 6.74
CA SER A 61 -23.72 31.64 5.42
C SER A 61 -22.48 31.54 4.55
N ASP A 62 -21.53 32.43 4.75
CA ASP A 62 -20.32 32.42 3.94
C ASP A 62 -19.35 31.34 4.40
N TYR A 63 -19.48 30.95 5.66
CA TYR A 63 -18.57 29.99 6.23
C TYR A 63 -19.07 28.58 5.96
N VAL A 64 -20.38 28.39 6.00
CA VAL A 64 -20.95 27.12 5.58
C VAL A 64 -20.70 26.95 4.10
N ARG A 65 -20.82 28.07 3.38
CA ARG A 65 -20.49 28.15 1.95
C ARG A 65 -19.08 27.65 1.68
N GLU A 66 -18.11 28.28 2.33
CA GLU A 66 -16.70 28.01 2.07
C GLU A 66 -16.29 26.62 2.52
N ALA A 67 -16.82 26.20 3.67
CA ALA A 67 -16.47 24.91 4.25
C ALA A 67 -16.93 23.76 3.37
N PHE A 68 -18.10 23.92 2.80
CA PHE A 68 -18.70 22.95 1.90
C PHE A 68 -17.88 22.77 0.64
N ASN A 69 -17.33 23.86 0.18
CA ASN A 69 -16.47 23.88 -1.00
C ASN A 69 -15.15 23.19 -0.73
N GLU A 70 -14.72 23.22 0.54
CA GLU A 70 -13.54 22.51 0.98
C GLU A 70 -13.69 21.02 0.75
N TRP A 71 -14.93 20.55 0.86
CA TRP A 71 -15.23 19.12 0.77
C TRP A 71 -15.65 18.72 -0.65
N ALA A 72 -15.79 19.72 -1.51
CA ALA A 72 -16.21 19.52 -2.90
C ALA A 72 -15.36 18.50 -3.71
N PRO A 73 -14.05 18.40 -3.44
CA PRO A 73 -13.28 17.33 -4.13
C PRO A 73 -13.81 15.91 -3.94
N SER A 74 -14.66 15.70 -2.95
CA SER A 74 -15.27 14.39 -2.73
C SER A 74 -16.36 14.08 -3.76
N GLY A 75 -16.84 15.10 -4.47
CA GLY A 75 -17.80 14.90 -5.54
C GLY A 75 -19.22 15.26 -5.13
N ILE A 76 -19.34 15.70 -3.88
CA ILE A 76 -20.58 16.19 -3.33
C ILE A 76 -20.98 17.51 -3.95
N ARG A 77 -22.28 17.74 -4.02
CA ARG A 77 -22.76 19.01 -4.55
C ARG A 77 -23.88 19.54 -3.69
N VAL A 78 -23.86 20.86 -3.48
CA VAL A 78 -24.81 21.49 -2.57
C VAL A 78 -25.51 22.70 -3.09
N GLN A 79 -26.39 23.17 -2.22
CA GLN A 79 -27.27 24.26 -2.55
C GLN A 79 -27.96 24.77 -1.30
N GLN A 80 -27.73 26.04 -1.01
CA GLN A 80 -28.36 26.67 0.12
C GLN A 80 -29.84 26.89 -0.17
N VAL A 81 -30.67 26.50 0.79
CA VAL A 81 -32.11 26.64 0.66
C VAL A 81 -32.68 27.43 1.83
N SER A 82 -33.34 28.54 1.50
CA SER A 82 -33.90 29.44 2.49
C SER A 82 -34.82 28.70 3.46
N SER A 83 -34.87 29.18 4.70
CA SER A 83 -35.69 28.58 5.75
C SER A 83 -37.17 28.51 5.37
N ARG A 89 -37.14 17.10 5.75
CA ARG A 89 -35.86 16.42 5.93
C ARG A 89 -34.74 17.14 5.19
N VAL A 90 -34.20 18.19 5.83
CA VAL A 90 -33.17 19.03 5.22
C VAL A 90 -32.05 19.33 6.23
N VAL A 91 -30.81 19.38 5.76
CA VAL A 91 -29.68 19.69 6.62
C VAL A 91 -29.83 21.08 7.24
N SER A 92 -29.65 21.18 8.55
CA SER A 92 -29.88 22.43 9.26
C SER A 92 -28.63 22.95 9.96
N PHE A 93 -28.28 24.20 9.70
CA PHE A 93 -27.22 24.87 10.43
C PHE A 93 -27.84 25.86 11.39
N SER A 94 -27.22 26.09 12.54
CA SER A 94 -27.74 27.03 13.52
C SER A 94 -26.72 27.38 14.60
N THR A 95 -27.05 28.37 15.41
CA THR A 95 -26.22 28.78 16.53
C THR A 95 -26.96 28.49 17.83
N THR A 96 -26.21 28.24 18.90
CA THR A 96 -26.79 27.97 20.20
C THR A 96 -26.03 28.71 21.30
N ASN A 97 -26.59 28.72 22.51
CA ASN A 97 -25.94 29.35 23.65
C ASN A 97 -25.99 28.46 24.89
N TYR A 98 -25.31 27.33 24.85
CA TYR A 98 -25.24 26.44 26.01
C TYR A 98 -24.07 26.81 26.91
N ALA A 99 -22.99 27.32 26.31
CA ALA A 99 -21.75 27.63 27.01
C ALA A 99 -21.25 26.42 27.80
N ASP A 100 -20.94 25.35 27.08
CA ASP A 100 -20.84 24.02 27.69
C ASP A 100 -19.58 23.29 27.21
N ASN A 101 -18.49 24.04 27.05
CA ASN A 101 -17.17 23.44 26.84
C ASN A 101 -17.14 22.57 25.56
N SER A 102 -17.84 23.05 24.54
CA SER A 102 -17.92 22.37 23.25
C SER A 102 -18.29 23.36 22.14
N LEU A 103 -17.30 23.72 21.33
CA LEU A 103 -17.47 24.75 20.30
C LEU A 103 -18.55 24.39 19.26
N GLY A 104 -18.52 23.16 18.76
CA GLY A 104 -19.48 22.74 17.75
C GLY A 104 -20.06 21.37 18.02
N SER A 105 -21.12 21.04 17.30
CA SER A 105 -21.85 19.79 17.50
C SER A 105 -22.75 19.46 16.30
N THR A 106 -22.80 18.19 15.92
CA THR A 106 -23.62 17.76 14.79
C THR A 106 -24.39 16.48 15.09
N ILE A 107 -25.68 16.47 14.73
CA ILE A 107 -26.47 15.25 14.78
C ILE A 107 -26.65 14.65 13.39
N PHE A 108 -26.05 13.48 13.17
CA PHE A 108 -26.21 12.78 11.89
C PHE A 108 -27.51 12.01 11.88
N ASP A 109 -28.40 12.40 10.97
CA ASP A 109 -29.73 11.80 10.89
C ASP A 109 -29.94 11.11 9.54
N PRO A 110 -30.06 9.77 9.57
CA PRO A 110 -30.25 8.96 8.36
C PRO A 110 -31.54 9.31 7.59
N SER A 111 -32.46 10.03 8.24
CA SER A 111 -33.68 10.46 7.57
C SER A 111 -33.41 11.68 6.69
N GLY A 112 -32.27 12.33 6.89
CA GLY A 112 -31.89 13.48 6.10
C GLY A 112 -31.86 14.79 6.86
N ASN A 113 -32.54 14.83 8.00
CA ASN A 113 -32.57 16.04 8.82
C ASN A 113 -31.39 16.12 9.80
N SER A 114 -30.18 16.11 9.24
CA SER A 114 -28.97 16.27 10.03
C SER A 114 -28.82 17.72 10.45
N ARG A 115 -28.45 17.93 11.71
CA ARG A 115 -28.37 19.28 12.24
C ARG A 115 -26.97 19.60 12.78
N THR A 116 -26.45 20.75 12.36
CA THR A 116 -25.19 21.24 12.89
C THR A 116 -25.39 22.52 13.68
N ARG A 117 -24.89 22.55 14.91
CA ARG A 117 -24.97 23.76 15.71
C ARG A 117 -23.59 24.31 16.07
N ILE A 118 -23.46 25.63 16.01
CA ILE A 118 -22.26 26.32 16.45
C ILE A 118 -22.59 27.13 17.69
N ASP A 119 -22.13 26.65 18.84
CA ASP A 119 -22.37 27.36 20.09
C ASP A 119 -21.65 28.70 20.06
N ILE A 120 -22.35 29.76 20.46
CA ILE A 120 -21.74 31.08 20.49
C ILE A 120 -21.18 31.37 21.87
N GLY A 121 -21.88 30.90 22.90
CA GLY A 121 -21.46 31.06 24.27
C GLY A 121 -20.17 30.32 24.61
N SER A 122 -19.99 29.14 24.02
CA SER A 122 -18.76 28.37 24.23
C SER A 122 -17.56 29.06 23.59
N PHE A 123 -17.75 29.60 22.40
CA PHE A 123 -16.69 30.35 21.73
C PHE A 123 -16.25 31.56 22.56
N ASN A 124 -17.22 32.35 22.99
CA ASN A 124 -16.94 33.54 23.82
C ASN A 124 -16.11 33.22 25.07
N ARG A 125 -16.21 31.97 25.53
CA ARG A 125 -15.56 31.53 26.76
C ARG A 125 -14.23 30.82 26.53
N ILE A 126 -14.22 29.84 25.62
CA ILE A 126 -13.06 28.96 25.50
C ILE A 126 -12.31 28.99 24.16
N VAL A 127 -12.60 29.96 23.29
CA VAL A 127 -11.97 29.96 21.97
C VAL A 127 -10.48 30.31 22.03
N MET A 128 -10.07 31.09 23.03
CA MET A 128 -8.68 31.50 23.13
C MET A 128 -7.95 30.81 24.28
N ASN A 129 -8.51 29.71 24.76
CA ASN A 129 -7.90 28.95 25.84
C ASN A 129 -6.55 28.36 25.46
N ASN A 130 -6.26 28.28 24.17
CA ASN A 130 -4.99 27.75 23.72
C ASN A 130 -4.27 28.77 22.83
N PHE A 131 -4.56 30.04 22.98
CA PHE A 131 -3.94 31.03 22.11
C PHE A 131 -2.43 31.12 22.18
N GLU A 132 -1.83 31.05 23.35
CA GLU A 132 -0.41 31.33 23.34
C GLU A 132 0.43 30.10 23.64
N LYS A 133 -0.22 28.99 24.01
CA LYS A 133 0.51 27.72 24.03
C LYS A 133 0.65 27.28 22.56
N LEU A 134 -0.28 27.73 21.73
CA LEU A 134 -0.12 27.65 20.26
C LEU A 134 0.85 28.71 19.71
N LYS A 135 0.79 29.94 20.24
CA LYS A 135 1.79 30.97 19.88
C LYS A 135 3.23 30.52 20.09
N SER A 136 3.52 30.05 21.29
CA SER A 136 4.89 29.79 21.70
C SER A 136 5.46 28.50 21.11
N ARG A 137 4.60 27.52 20.85
CA ARG A 137 5.05 26.29 20.19
C ARG A 137 5.21 26.54 18.69
N GLY A 138 4.70 27.69 18.24
CA GLY A 138 4.84 28.08 16.85
C GLY A 138 3.86 27.39 15.92
N ALA A 139 2.76 26.90 16.49
CA ALA A 139 1.71 26.27 15.68
C ALA A 139 0.93 27.31 14.90
N ILE A 140 0.88 28.53 15.42
CA ILE A 140 0.26 29.64 14.74
C ILE A 140 1.24 30.81 14.69
N PRO A 141 1.20 31.60 13.61
CA PRO A 141 2.15 32.72 13.51
C PRO A 141 1.91 33.77 14.59
N ALA A 142 2.97 34.23 15.25
CA ALA A 142 2.87 35.28 16.26
C ALA A 142 2.25 36.54 15.66
N ASN A 143 2.29 36.60 14.32
CA ASN A 143 1.67 37.66 13.54
C ASN A 143 0.16 37.80 13.75
N MET A 144 -0.54 36.67 13.84
CA MET A 144 -2.00 36.67 13.80
C MET A 144 -2.61 37.33 15.04
N SER A 145 -3.72 38.03 14.81
CA SER A 145 -4.42 38.74 15.88
C SER A 145 -5.41 37.82 16.58
N PRO A 146 -5.88 38.23 17.78
CA PRO A 146 -6.95 37.47 18.44
C PRO A 146 -8.20 37.35 17.56
N GLU A 147 -8.38 38.30 16.65
CA GLU A 147 -9.52 38.28 15.75
C GLU A 147 -9.45 37.11 14.77
N GLU A 148 -8.31 36.90 14.13
CA GLU A 148 -8.21 35.86 13.10
C GLU A 148 -7.93 34.46 13.63
N TYR A 149 -7.47 34.35 14.87
CA TYR A 149 -7.35 33.04 15.49
C TYR A 149 -8.74 32.51 15.83
N ILE A 150 -9.70 33.42 15.99
CA ILE A 150 -11.09 33.04 16.25
C ILE A 150 -11.81 32.65 14.95
N LYS A 151 -11.46 33.32 13.84
CA LYS A 151 -11.99 32.92 12.53
C LYS A 151 -11.41 31.58 12.10
N LEU A 152 -10.12 31.37 12.37
CA LEU A 152 -9.46 30.11 12.07
C LEU A 152 -10.18 28.96 12.78
N LYS A 153 -10.40 29.14 14.08
CA LYS A 153 -11.09 28.15 14.90
C LYS A 153 -12.51 27.91 14.40
N LEU A 154 -13.16 28.96 13.90
CA LEU A 154 -14.53 28.83 13.41
C LEU A 154 -14.61 28.01 12.13
N ARG A 155 -13.73 28.30 11.17
CA ARG A 155 -13.71 27.53 9.93
C ARG A 155 -13.40 26.07 10.18
N ILE A 156 -12.35 25.82 10.95
CA ILE A 156 -12.00 24.47 11.38
C ILE A 156 -13.20 23.77 12.00
N THR A 157 -13.85 24.43 12.96
CA THR A 157 -15.02 23.88 13.62
C THR A 157 -16.13 23.55 12.64
N ILE A 158 -16.41 24.47 11.73
CA ILE A 158 -17.45 24.28 10.73
C ILE A 158 -17.08 23.17 9.73
N LYS A 159 -15.86 23.21 9.19
CA LYS A 159 -15.38 22.15 8.29
C LYS A 159 -15.42 20.78 8.96
N HIS A 160 -15.00 20.72 10.22
CA HIS A 160 -15.06 19.49 11.00
C HIS A 160 -16.50 18.98 11.13
N GLU A 161 -17.43 19.88 11.45
CA GLU A 161 -18.83 19.49 11.57
C GLU A 161 -19.44 19.05 10.23
N ILE A 162 -19.01 19.67 9.14
CA ILE A 162 -19.39 19.23 7.79
C ILE A 162 -18.99 17.77 7.56
N GLY A 163 -17.81 17.40 8.04
CA GLY A 163 -17.36 16.01 7.98
C GLY A 163 -18.41 15.08 8.57
N HIS A 164 -18.97 15.48 9.72
CA HIS A 164 -19.99 14.70 10.41
C HIS A 164 -21.29 14.65 9.59
N ILE A 165 -21.67 15.79 9.00
CA ILE A 165 -22.83 15.85 8.12
C ILE A 165 -22.67 14.81 7.01
N LEU A 166 -21.44 14.68 6.52
CA LEU A 166 -21.14 13.81 5.38
C LEU A 166 -20.87 12.36 5.78
N GLY A 167 -21.13 12.01 7.04
CA GLY A 167 -21.09 10.61 7.45
C GLY A 167 -19.78 10.16 8.07
N LEU A 168 -18.88 11.09 8.35
CA LEU A 168 -17.63 10.72 9.01
C LEU A 168 -17.73 10.87 10.52
N LEU A 169 -16.95 10.07 11.23
CA LEU A 169 -16.85 10.16 12.68
C LEU A 169 -15.43 10.61 13.01
N HIS A 170 -14.97 10.36 14.23
CA HIS A 170 -13.61 10.74 14.60
C HIS A 170 -12.60 9.65 14.31
N ASN A 171 -11.34 10.04 14.12
CA ASN A 171 -10.28 9.11 13.76
C ASN A 171 -10.18 7.89 14.66
N ASN A 172 -10.48 8.07 15.95
CA ASN A 172 -10.25 6.99 16.91
C ASN A 172 -11.53 6.26 17.31
N GLU A 173 -12.58 6.37 16.50
CA GLU A 173 -13.87 5.80 16.88
C GLU A 173 -14.25 4.55 16.11
N GLY A 174 -13.26 3.92 15.46
CA GLY A 174 -13.47 2.62 14.85
C GLY A 174 -13.93 1.62 15.90
N GLY A 175 -15.05 0.96 15.64
CA GLY A 175 -15.56 -0.06 16.53
C GLY A 175 -16.43 0.48 17.66
N SER A 176 -16.51 1.81 17.78
CA SER A 176 -17.32 2.43 18.83
C SER A 176 -18.77 2.49 18.40
N TYR A 177 -19.68 2.34 19.36
CA TYR A 177 -21.12 2.34 19.08
C TYR A 177 -21.73 3.73 19.18
N PHE A 178 -22.65 4.02 18.27
CA PHE A 178 -23.29 5.33 18.21
C PHE A 178 -24.80 5.13 18.05
N PRO A 179 -25.60 6.22 18.16
CA PRO A 179 -27.06 6.06 18.13
C PRO A 179 -27.63 5.28 16.93
N HIS A 180 -27.00 5.40 15.76
CA HIS A 180 -27.57 4.77 14.58
C HIS A 180 -26.67 3.68 14.02
N GLY A 181 -25.73 3.21 14.83
CA GLY A 181 -24.85 2.13 14.41
C GLY A 181 -23.48 2.12 15.05
N VAL A 182 -22.46 2.01 14.21
CA VAL A 182 -21.10 1.78 14.68
C VAL A 182 -20.12 2.45 13.72
N GLY A 183 -18.99 2.95 14.24
CA GLY A 183 -17.95 3.47 13.38
C GLY A 183 -17.15 2.36 12.73
N LEU A 184 -16.88 2.49 11.44
CA LEU A 184 -16.08 1.53 10.71
C LEU A 184 -15.08 2.30 9.86
N GLU A 185 -13.82 1.86 9.89
CA GLU A 185 -12.78 2.52 9.14
C GLU A 185 -13.07 2.43 7.64
N VAL A 186 -12.90 3.55 6.94
CA VAL A 186 -13.08 3.56 5.50
C VAL A 186 -11.85 4.15 4.81
N ALA A 187 -11.68 3.82 3.54
CA ALA A 187 -10.73 4.52 2.66
C ALA A 187 -9.30 4.53 3.19
N ARG A 188 -8.89 3.48 3.88
CA ARG A 188 -7.56 3.45 4.46
C ARG A 188 -6.46 3.68 3.42
N CYS A 189 -5.52 4.54 3.76
CA CYS A 189 -4.34 4.70 2.92
C CYS A 189 -3.18 5.13 3.80
N ARG A 190 -2.29 4.19 4.08
CA ARG A 190 -1.11 4.43 4.88
CA ARG A 190 -1.10 4.47 4.88
C ARG A 190 0.11 4.77 4.01
N LEU A 191 0.05 4.38 2.74
CA LEU A 191 1.23 4.53 1.86
C LEU A 191 1.45 5.96 1.33
N LEU A 192 0.44 6.79 1.35
CA LEU A 192 0.60 8.16 0.81
C LEU A 192 0.66 9.19 1.93
N ASN A 193 1.77 9.93 2.01
CA ASN A 193 1.87 10.95 3.05
C ASN A 193 0.88 12.07 2.77
N GLN A 194 0.43 12.73 3.83
CA GLN A 194 -0.65 13.71 3.77
C GLN A 194 -0.80 14.39 5.13
N ALA A 195 -1.59 15.46 5.18
CA ALA A 195 -1.86 16.18 6.42
C ALA A 195 -2.71 15.33 7.36
N PRO A 196 -2.67 15.62 8.68
CA PRO A 196 -3.62 14.96 9.57
C PRO A 196 -5.08 15.22 9.17
N SER A 197 -5.95 14.26 9.47
CA SER A 197 -7.37 14.41 9.20
C SER A 197 -7.95 15.58 9.99
N ILE A 198 -8.90 16.28 9.40
CA ILE A 198 -9.59 17.34 10.10
C ILE A 198 -10.67 16.75 10.99
N MET A 199 -10.82 15.42 10.94
CA MET A 199 -11.78 14.72 11.80
C MET A 199 -11.09 14.06 12.99
N LEU A 200 -9.88 14.51 13.31
CA LEU A 200 -9.23 14.13 14.56
C LEU A 200 -10.19 14.36 15.72
N ASN A 201 -10.19 13.44 16.68
CA ASN A 201 -11.00 13.61 17.88
C ASN A 201 -10.42 14.76 18.71
N GLY A 202 -11.24 15.80 18.90
CA GLY A 202 -10.79 17.02 19.56
C GLY A 202 -10.53 16.84 21.04
N SER A 203 -11.04 15.73 21.59
CA SER A 203 -10.79 15.39 22.97
C SER A 203 -9.36 14.89 23.16
N ASN A 204 -8.74 14.44 22.08
CA ASN A 204 -7.43 13.79 22.16
C ASN A 204 -6.34 14.49 21.34
N TYR A 205 -6.73 15.34 20.40
CA TYR A 205 -5.78 16.06 19.56
C TYR A 205 -6.15 17.52 19.45
N ASP A 206 -5.14 18.36 19.24
CA ASP A 206 -5.36 19.71 18.75
C ASP A 206 -4.96 19.75 17.28
N TYR A 207 -5.97 19.90 16.41
CA TYR A 207 -5.77 19.86 14.97
C TYR A 207 -4.71 20.84 14.49
N ILE A 208 -4.73 22.05 15.04
CA ILE A 208 -3.78 23.08 14.62
C ILE A 208 -2.35 22.66 14.93
N ASP A 209 -2.15 22.17 16.15
CA ASP A 209 -0.85 21.71 16.59
C ASP A 209 -0.37 20.53 15.75
N ARG A 210 -1.25 19.58 15.46
CA ARG A 210 -0.87 18.44 14.63
C ARG A 210 -0.59 18.88 13.20
N LEU A 211 -1.38 19.82 12.69
CA LEU A 211 -1.20 20.32 11.33
C LEU A 211 0.12 21.05 11.21
N SER A 212 0.44 21.86 12.21
CA SER A 212 1.71 22.58 12.24
C SER A 212 2.89 21.62 12.32
N HIS A 213 2.74 20.59 13.13
CA HIS A 213 3.75 19.56 13.30
C HIS A 213 4.07 18.93 11.95
N TYR A 214 3.03 18.78 11.12
CA TYR A 214 3.17 18.21 9.78
C TYR A 214 3.81 19.20 8.80
N LEU A 215 3.36 20.45 8.86
CA LEU A 215 3.83 21.46 7.92
C LEU A 215 5.23 21.97 8.27
N GLU A 216 5.66 21.69 9.49
CA GLU A 216 6.95 22.12 10.00
C GLU A 216 7.09 23.65 9.97
N ARG A 217 5.98 24.33 10.22
CA ARG A 217 5.93 25.79 10.24
C ARG A 217 4.57 26.21 10.81
N PRO A 218 4.40 27.51 11.13
CA PRO A 218 3.09 27.96 11.61
C PRO A 218 1.97 27.76 10.58
N VAL A 219 0.73 27.63 11.06
CA VAL A 219 -0.40 27.29 10.21
C VAL A 219 -1.37 28.45 10.02
N THR A 220 -1.74 28.71 8.76
CA THR A 220 -2.79 29.67 8.46
C THR A 220 -4.03 28.95 7.90
N GLU A 221 -4.96 29.70 7.35
CA GLU A 221 -6.26 29.16 6.97
C GLU A 221 -6.25 28.52 5.57
N THR A 222 -5.27 28.89 4.76
CA THR A 222 -5.10 28.27 3.44
C THR A 222 -4.54 26.86 3.60
N ASP A 223 -4.11 26.53 4.81
CA ASP A 223 -3.53 25.22 5.12
C ASP A 223 -4.58 24.20 5.56
N ILE A 224 -5.56 24.66 6.36
CA ILE A 224 -6.55 23.76 6.92
C ILE A 224 -7.49 23.21 5.85
N GLY A 225 -8.19 22.13 6.18
CA GLY A 225 -9.14 21.52 5.28
C GLY A 225 -9.11 20.01 5.36
N PRO A 226 -10.05 19.35 4.65
CA PRO A 226 -10.11 17.89 4.60
C PRO A 226 -8.82 17.32 4.03
N SER A 227 -8.30 16.26 4.63
CA SER A 227 -7.10 15.62 4.08
C SER A 227 -7.45 14.77 2.87
N ARG A 228 -6.43 14.23 2.19
CA ARG A 228 -6.68 13.30 1.10
C ARG A 228 -7.59 12.16 1.54
N ASN A 229 -7.28 11.56 2.68
CA ASN A 229 -8.08 10.43 3.15
C ASN A 229 -9.49 10.86 3.58
N ASP A 230 -9.62 12.07 4.14
CA ASP A 230 -10.94 12.60 4.47
C ASP A 230 -11.83 12.65 3.24
N ILE A 231 -11.25 13.12 2.13
CA ILE A 231 -11.98 13.23 0.86
C ILE A 231 -12.37 11.85 0.34
N GLU A 232 -11.45 10.91 0.37
CA GLU A 232 -11.75 9.54 -0.04
C GLU A 232 -12.79 8.88 0.86
N GLY A 233 -12.77 9.26 2.15
CA GLY A 233 -13.74 8.76 3.09
C GLY A 233 -15.16 9.14 2.69
N VAL A 234 -15.34 10.41 2.29
CA VAL A 234 -16.66 10.88 1.87
C VAL A 234 -17.08 10.23 0.55
N ARG A 235 -16.13 10.00 -0.36
CA ARG A 235 -16.41 9.25 -1.59
C ARG A 235 -17.01 7.88 -1.28
N VAL A 236 -16.50 7.22 -0.25
CA VAL A 236 -17.07 5.97 0.22
C VAL A 236 -18.49 6.19 0.75
N MET A 237 -18.68 7.23 1.56
CA MET A 237 -19.98 7.52 2.16
C MET A 237 -21.00 7.93 1.11
N ARG A 238 -20.52 8.43 -0.03
CA ARG A 238 -21.43 8.79 -1.13
C ARG A 238 -21.97 7.56 -1.84
N ARG A 239 -21.28 6.43 -1.76
CA ARG A 239 -21.77 5.24 -2.44
C ARG A 239 -22.24 4.18 -1.46
N GLY A 240 -21.84 4.32 -0.19
CA GLY A 240 -22.26 3.41 0.84
C GLY A 240 -21.86 1.98 0.56
N GLY A 241 -22.70 1.04 0.97
CA GLY A 241 -22.41 -0.37 0.81
C GLY A 241 -21.84 -0.99 2.07
N SER A 242 -21.30 -2.21 1.93
CA SER A 242 -20.78 -2.94 3.07
C SER A 242 -19.52 -2.32 3.65
N GLY A 243 -19.41 -2.31 4.97
CA GLY A 243 -18.23 -1.81 5.64
C GLY A 243 -17.04 -2.74 5.49
N ASN A 244 -17.31 -3.97 5.09
CA ASN A 244 -16.25 -4.98 4.92
C ASN A 244 -15.79 -5.12 3.47
N SER A 245 -16.41 -4.36 2.56
CA SER A 245 -15.99 -4.34 1.17
C SER A 245 -14.57 -3.76 1.05
N PHE A 246 -13.72 -4.43 0.28
CA PHE A 246 -12.34 -3.96 0.11
C PHE A 246 -12.31 -2.63 -0.65
N THR A 247 -13.27 -2.42 -1.53
CA THR A 247 -13.29 -1.15 -2.26
C THR A 247 -13.63 -0.02 -1.29
N ASN A 248 -14.41 -0.34 -0.26
CA ASN A 248 -14.76 0.65 0.76
C ASN A 248 -13.68 0.80 1.84
N ARG A 249 -13.04 -0.30 2.22
CA ARG A 249 -12.07 -0.24 3.31
C ARG A 249 -10.74 0.39 2.92
N PHE A 250 -10.38 0.32 1.64
CA PHE A 250 -9.06 0.79 1.20
C PHE A 250 -9.18 1.80 0.08
N SER A 251 -8.32 2.83 0.08
CA SER A 251 -8.37 3.83 -0.99
C SER A 251 -7.05 3.94 -1.77
N CYS A 252 -6.05 3.14 -1.43
CA CYS A 252 -4.83 3.12 -2.24
C CYS A 252 -4.11 1.77 -2.20
N LEU A 253 -4.87 0.69 -2.07
CA LEU A 253 -4.24 -0.63 -1.92
C LEU A 253 -3.58 -1.08 -3.21
N GLY A 254 -4.02 -0.52 -4.34
CA GLY A 254 -3.38 -0.78 -5.62
C GLY A 254 -1.87 -0.55 -5.57
N LEU A 255 -1.44 0.38 -4.71
CA LEU A 255 -0.02 0.72 -4.59
C LEU A 255 0.82 -0.45 -4.12
N GLY A 256 0.18 -1.40 -3.44
CA GLY A 256 0.81 -2.62 -3.00
C GLY A 256 1.43 -3.42 -4.14
N LEU A 257 0.87 -3.29 -5.34
CA LEU A 257 1.43 -3.99 -6.51
C LEU A 257 2.84 -3.50 -6.83
N ALA A 258 3.18 -2.30 -6.36
CA ALA A 258 4.48 -1.72 -6.71
C ALA A 258 5.56 -2.26 -5.77
N PHE A 259 5.18 -3.23 -4.95
CA PHE A 259 6.10 -3.88 -4.01
C PHE A 259 6.36 -5.33 -4.40
N MET B 1 28.02 6.12 -23.96
CA MET B 1 26.98 7.14 -23.83
C MET B 1 25.72 6.52 -23.20
N THR B 2 25.66 6.52 -21.88
CA THR B 2 24.45 6.09 -21.17
C THR B 2 23.37 7.16 -21.39
N PRO B 3 22.17 6.75 -21.82
CA PRO B 3 21.08 7.73 -22.01
C PRO B 3 20.66 8.38 -20.69
N GLN B 4 20.08 9.57 -20.77
CA GLN B 4 19.63 10.30 -19.58
C GLN B 4 18.11 10.29 -19.44
N ASN B 5 17.41 9.81 -20.46
CA ASN B 5 15.95 9.88 -20.49
C ASN B 5 15.42 8.91 -21.54
N ILE B 6 14.10 8.74 -21.61
CA ILE B 6 13.53 7.71 -22.46
C ILE B 6 13.70 8.04 -23.96
N THR B 7 13.75 9.32 -24.29
CA THR B 7 13.90 9.70 -25.70
C THR B 7 15.29 9.36 -26.23
N ASP B 8 16.32 9.70 -25.45
CA ASP B 8 17.69 9.33 -25.79
C ASP B 8 17.82 7.82 -25.95
N LEU B 9 17.21 7.09 -25.01
CA LEU B 9 17.28 5.65 -25.03
C LEU B 9 16.63 5.10 -26.29
N CYS B 10 15.43 5.57 -26.57
CA CYS B 10 14.65 5.05 -27.69
C CYS B 10 15.34 5.34 -29.02
N ASN B 11 16.08 6.45 -29.08
CA ASN B 11 16.80 6.85 -30.29
C ASN B 11 17.99 5.95 -30.62
N GLU B 12 18.38 5.09 -29.69
CA GLU B 12 19.49 4.17 -29.90
C GLU B 12 19.05 2.93 -30.68
N TYR B 13 17.74 2.76 -30.82
CA TYR B 13 17.24 1.52 -31.43
C TYR B 13 16.50 1.79 -32.74
N GLN B 14 16.68 0.86 -33.66
CA GLN B 14 15.95 0.89 -34.92
C GLN B 14 14.52 0.41 -34.70
N ASN B 15 13.60 0.94 -35.49
CA ASN B 15 12.21 0.51 -35.50
C ASN B 15 11.47 0.77 -34.18
N THR B 16 11.94 1.74 -33.41
CA THR B 16 11.23 2.12 -32.20
C THR B 16 10.68 3.53 -32.36
N MET B 17 9.65 3.84 -31.60
CA MET B 17 9.09 5.17 -31.58
C MET B 17 8.63 5.51 -30.17
N ILE B 18 8.61 6.79 -29.84
CA ILE B 18 8.06 7.24 -28.58
C ILE B 18 6.58 7.55 -28.76
N TYR B 19 5.77 6.98 -27.89
CA TYR B 19 4.37 7.34 -27.81
C TYR B 19 4.18 8.18 -26.55
N SER B 20 3.71 9.40 -26.74
CA SER B 20 3.44 10.27 -25.61
C SER B 20 1.98 10.09 -25.29
N LEU B 21 1.69 9.54 -24.11
CA LEU B 21 0.35 9.10 -23.81
C LEU B 21 -0.34 9.97 -22.78
N ASN B 22 0.26 10.08 -21.58
CA ASN B 22 -0.37 10.74 -20.45
C ASN B 22 -1.78 10.23 -20.21
N LYS B 23 -1.91 8.90 -20.23
CA LYS B 23 -3.19 8.23 -20.03
C LYS B 23 -2.99 7.05 -19.12
N GLU B 24 -4.03 6.70 -18.38
CA GLU B 24 -4.00 5.47 -17.60
C GLU B 24 -4.34 4.27 -18.48
N ILE B 25 -3.89 3.09 -18.08
CA ILE B 25 -4.21 1.88 -18.82
C ILE B 25 -5.68 1.50 -18.71
N ALA B 26 -6.33 1.23 -19.85
CA ALA B 26 -7.74 0.89 -19.85
C ALA B 26 -7.98 -0.61 -19.69
N THR B 27 -7.10 -1.42 -20.28
CA THR B 27 -7.27 -2.87 -20.22
C THR B 27 -5.94 -3.56 -20.00
N TYR B 28 -5.93 -4.54 -19.09
CA TYR B 28 -4.74 -5.32 -18.81
C TYR B 28 -5.08 -6.79 -19.04
N THR B 29 -4.30 -7.45 -19.89
CA THR B 29 -4.54 -8.86 -20.18
C THR B 29 -3.27 -9.65 -19.92
N GLU B 30 -3.40 -10.76 -19.20
CA GLU B 30 -2.25 -11.54 -18.83
C GLU B 30 -2.53 -13.00 -19.16
N SER B 31 -1.60 -13.67 -19.83
CA SER B 31 -1.82 -15.05 -20.28
C SER B 31 -0.71 -15.98 -19.84
N LEU B 32 -1.07 -17.17 -19.36
CA LEU B 32 -0.06 -18.18 -19.04
C LEU B 32 -0.08 -19.30 -20.07
N ALA B 33 -0.94 -19.17 -21.08
CA ALA B 33 -1.13 -20.22 -22.07
C ALA B 33 0.14 -20.50 -22.87
N GLY B 34 0.39 -21.78 -23.15
CA GLY B 34 1.60 -22.22 -23.82
C GLY B 34 1.89 -21.49 -25.12
N LYS B 35 3.10 -20.94 -25.21
CA LYS B 35 3.60 -20.19 -26.37
C LYS B 35 2.99 -18.79 -26.46
N ARG B 36 2.11 -18.45 -25.53
CA ARG B 36 1.52 -17.11 -25.46
C ARG B 36 1.64 -16.52 -24.06
N GLU B 37 2.79 -16.73 -23.44
CA GLU B 37 3.03 -16.27 -22.07
C GLU B 37 3.40 -14.79 -22.11
N MET B 38 2.39 -13.93 -22.06
CA MET B 38 2.58 -12.51 -22.37
C MET B 38 1.59 -11.63 -21.65
N VAL B 39 1.84 -10.32 -21.72
CA VAL B 39 0.94 -9.32 -21.17
C VAL B 39 0.60 -8.34 -22.28
N ILE B 40 -0.68 -7.98 -22.36
CA ILE B 40 -1.13 -6.99 -23.34
C ILE B 40 -1.83 -5.87 -22.59
N ILE B 41 -1.52 -4.64 -22.95
CA ILE B 41 -2.24 -3.52 -22.38
C ILE B 41 -2.85 -2.71 -23.50
N SER B 42 -3.97 -2.07 -23.23
CA SER B 42 -4.55 -1.17 -24.21
C SER B 42 -5.05 0.09 -23.53
N PHE B 43 -5.18 1.14 -24.32
CA PHE B 43 -5.65 2.43 -23.84
C PHE B 43 -7.02 2.66 -24.46
N SER B 44 -7.74 3.66 -23.97
CA SER B 44 -9.14 3.82 -24.38
C SER B 44 -9.31 4.15 -25.86
N ASN B 45 -8.28 4.71 -26.50
CA ASN B 45 -8.37 5.01 -27.93
C ASN B 45 -8.04 3.79 -28.79
N GLY B 46 -7.86 2.64 -28.15
CA GLY B 46 -7.62 1.41 -28.87
C GLY B 46 -6.16 1.06 -29.08
N ALA B 47 -5.25 1.98 -28.76
CA ALA B 47 -3.81 1.72 -28.86
C ALA B 47 -3.44 0.51 -27.99
N THR B 48 -2.73 -0.44 -28.57
CA THR B 48 -2.43 -1.71 -27.91
C THR B 48 -0.94 -1.99 -27.91
N PHE B 49 -0.44 -2.49 -26.78
CA PHE B 49 0.98 -2.81 -26.61
C PHE B 49 1.14 -4.15 -25.92
N GLN B 50 2.26 -4.80 -26.17
CA GLN B 50 2.58 -6.06 -25.52
C GLN B 50 3.95 -6.01 -24.85
N VAL B 51 4.12 -6.86 -23.86
CA VAL B 51 5.45 -7.28 -23.47
C VAL B 51 5.60 -8.66 -24.09
N GLU B 52 6.61 -8.83 -24.95
CA GLU B 52 6.71 -10.04 -25.76
C GLU B 52 6.94 -11.30 -24.97
N VAL B 53 6.51 -12.43 -25.53
CA VAL B 53 6.90 -13.74 -25.05
C VAL B 53 8.42 -13.83 -25.07
N PRO B 54 9.05 -14.24 -23.97
CA PRO B 54 10.51 -14.34 -23.99
C PRO B 54 10.96 -15.30 -25.09
N GLY B 55 12.01 -14.95 -25.82
CA GLY B 55 12.45 -15.80 -26.91
C GLY B 55 13.88 -15.58 -27.34
N SER B 56 14.21 -16.07 -28.53
CA SER B 56 15.57 -16.01 -29.02
C SER B 56 15.97 -14.59 -29.42
N GLN B 57 14.98 -13.71 -29.53
CA GLN B 57 15.25 -12.31 -29.83
C GLN B 57 15.71 -11.55 -28.61
N HIS B 58 15.72 -12.22 -27.46
CA HIS B 58 16.08 -11.60 -26.19
C HIS B 58 17.44 -12.08 -25.67
N LEU B 59 18.26 -11.14 -25.22
CA LEU B 59 19.49 -11.45 -24.50
C LEU B 59 19.15 -12.07 -23.17
N GLU B 60 20.11 -12.80 -22.58
CA GLU B 60 19.96 -13.32 -21.23
C GLU B 60 19.72 -12.18 -20.26
N SER B 61 20.38 -11.05 -20.53
CA SER B 61 20.25 -9.87 -19.69
C SER B 61 18.87 -9.22 -19.76
N GLN B 62 18.05 -9.64 -20.71
CA GLN B 62 16.71 -9.08 -20.84
C GLN B 62 15.63 -9.91 -20.16
N LYS B 63 15.99 -11.11 -19.72
CA LYS B 63 14.97 -12.01 -19.20
C LYS B 63 14.31 -11.48 -17.92
N ARG B 64 15.11 -11.05 -16.96
CA ARG B 64 14.54 -10.48 -15.73
C ARG B 64 13.88 -9.10 -15.99
N PRO B 65 14.48 -8.24 -16.84
CA PRO B 65 13.78 -7.00 -17.19
C PRO B 65 12.42 -7.18 -17.84
N LEU B 66 12.20 -8.23 -18.64
CA LEU B 66 10.87 -8.49 -19.16
C LEU B 66 9.88 -8.68 -18.00
N GLU B 67 10.28 -9.42 -16.99
CA GLU B 67 9.40 -9.70 -15.85
C GLU B 67 9.16 -8.42 -15.04
N ARG B 68 10.20 -7.60 -14.91
CA ARG B 68 10.07 -6.33 -14.19
C ARG B 68 9.06 -5.42 -14.89
N MET B 69 9.14 -5.34 -16.23
CA MET B 69 8.21 -4.52 -16.97
C MET B 69 6.77 -5.02 -16.79
N LYS B 70 6.58 -6.34 -16.82
CA LYS B 70 5.24 -6.88 -16.59
C LYS B 70 4.74 -6.51 -15.18
N ASP B 71 5.63 -6.54 -14.18
CA ASP B 71 5.28 -6.11 -12.82
C ASP B 71 4.88 -4.63 -12.81
N THR B 72 5.67 -3.81 -13.50
CA THR B 72 5.40 -2.38 -13.53
C THR B 72 4.06 -2.05 -14.18
N LEU B 73 3.76 -2.70 -15.30
CA LEU B 73 2.47 -2.47 -15.98
C LEU B 73 1.29 -2.93 -15.12
N ARG B 74 1.44 -4.06 -14.44
CA ARG B 74 0.37 -4.52 -13.55
C ARG B 74 0.15 -3.48 -12.45
N ALA B 75 1.24 -2.99 -11.87
CA ALA B 75 1.13 -1.98 -10.82
C ALA B 75 0.46 -0.70 -11.35
N ALA B 76 0.88 -0.28 -12.54
CA ALA B 76 0.29 0.89 -13.17
C ALA B 76 -1.21 0.68 -13.38
N TYR B 77 -1.59 -0.51 -13.85
CA TYR B 77 -3.02 -0.75 -14.07
C TYR B 77 -3.81 -0.68 -12.76
N PHE B 78 -3.34 -1.38 -11.74
CA PHE B 78 -4.06 -1.46 -10.47
C PHE B 78 -4.19 -0.09 -9.80
N THR B 79 -3.19 0.76 -9.97
CA THR B 79 -3.18 2.06 -9.28
C THR B 79 -3.88 3.13 -10.11
N GLY B 80 -4.07 2.85 -11.40
CA GLY B 80 -4.69 3.80 -12.28
C GLY B 80 -3.83 5.02 -12.56
N ILE B 81 -2.51 4.87 -12.46
CA ILE B 81 -1.63 6.00 -12.71
C ILE B 81 -1.47 6.25 -14.21
N LYS B 82 -1.20 7.50 -14.55
CA LYS B 82 -1.04 7.87 -15.93
C LYS B 82 0.33 7.41 -16.40
N ILE B 83 0.38 6.83 -17.59
CA ILE B 83 1.64 6.50 -18.23
C ILE B 83 2.05 7.68 -19.09
N SER B 84 3.24 8.21 -18.87
CA SER B 84 3.68 9.39 -19.60
C SER B 84 4.11 9.06 -21.01
N LYS B 85 5.07 8.14 -21.14
CA LYS B 85 5.57 7.76 -22.46
C LYS B 85 5.86 6.28 -22.53
N LEU B 86 5.68 5.71 -23.71
CA LEU B 86 6.18 4.37 -24.00
C LEU B 86 7.15 4.45 -25.16
N CYS B 87 8.25 3.72 -25.04
CA CYS B 87 9.10 3.46 -26.18
C CYS B 87 8.74 2.08 -26.68
N ALA B 88 8.33 1.98 -27.95
CA ALA B 88 7.83 0.70 -28.45
C ALA B 88 8.34 0.35 -29.86
N TRP B 89 8.56 -0.94 -30.09
CA TRP B 89 8.86 -1.42 -31.43
C TRP B 89 7.62 -1.40 -32.30
N THR B 90 7.74 -0.77 -33.47
CA THR B 90 6.63 -0.55 -34.38
C THR B 90 6.49 -1.63 -35.44
N ASN B 91 7.47 -2.52 -35.51
CA ASN B 91 7.42 -3.65 -36.43
C ASN B 91 6.87 -4.91 -35.74
N LYS B 92 6.11 -4.69 -34.67
CA LYS B 92 5.39 -5.77 -34.01
C LYS B 92 3.92 -5.35 -33.88
N SER B 93 3.02 -6.31 -33.89
CA SER B 93 1.61 -6.01 -33.63
C SER B 93 1.08 -7.03 -32.61
N PRO B 94 0.65 -6.57 -31.42
CA PRO B 94 0.71 -5.18 -30.93
C PRO B 94 2.14 -4.66 -30.85
N ASN B 95 2.32 -3.34 -30.86
CA ASN B 95 3.62 -2.73 -30.66
C ASN B 95 4.23 -3.28 -29.36
N SER B 96 5.54 -3.53 -29.37
CA SER B 96 6.21 -4.21 -28.27
C SER B 96 6.98 -3.22 -27.38
N ILE B 97 6.74 -3.26 -26.07
CA ILE B 97 7.33 -2.27 -25.19
C ILE B 97 8.81 -2.47 -24.93
N ALA B 98 9.59 -1.41 -25.15
CA ALA B 98 11.01 -1.40 -24.85
C ALA B 98 11.33 -0.63 -23.57
N ALA B 99 10.57 0.43 -23.33
CA ALA B 99 10.79 1.23 -22.13
C ALA B 99 9.52 2.00 -21.79
N ILE B 100 9.43 2.42 -20.53
CA ILE B 100 8.29 3.18 -20.05
C ILE B 100 8.78 4.38 -19.25
N GLU B 101 8.06 5.49 -19.34
CA GLU B 101 8.32 6.64 -18.48
C GLU B 101 7.05 6.98 -17.71
N LEU B 102 7.19 7.12 -16.40
CA LEU B 102 6.13 7.60 -15.54
C LEU B 102 6.55 8.97 -15.01
N SER B 103 5.67 9.97 -15.08
CA SER B 103 6.04 11.29 -14.57
C SER B 103 4.87 12.00 -13.92
N ASN B 104 5.12 12.60 -12.76
CA ASN B 104 4.11 13.36 -12.01
C ASN B 104 4.24 14.88 -12.06
N LEU B 105 3.36 15.54 -11.29
CA LEU B 105 3.37 17.00 -11.09
C LEU B 105 4.78 17.58 -10.98
N MET C 1 33.50 -1.10 12.44
CA MET C 1 33.81 -1.01 11.02
C MET C 1 32.56 -1.04 10.16
N THR C 2 31.54 -1.78 10.59
CA THR C 2 30.27 -1.78 9.85
C THR C 2 29.66 -0.39 10.01
N PRO C 3 29.24 0.22 8.89
CA PRO C 3 28.64 1.55 8.96
C PRO C 3 27.34 1.57 9.76
N GLN C 4 27.01 2.72 10.34
CA GLN C 4 25.79 2.82 11.14
C GLN C 4 24.72 3.59 10.38
N ASN C 5 25.12 4.19 9.26
CA ASN C 5 24.24 5.07 8.50
C ASN C 5 24.80 5.27 7.08
N ILE C 6 24.06 5.96 6.23
CA ILE C 6 24.45 6.05 4.83
C ILE C 6 25.73 6.89 4.63
N THR C 7 25.96 7.85 5.51
CA THR C 7 27.15 8.72 5.39
C THR C 7 28.42 7.92 5.69
N ASP C 8 28.38 7.13 6.75
CA ASP C 8 29.48 6.22 7.07
C ASP C 8 29.74 5.29 5.90
N LEU C 9 28.67 4.76 5.33
CA LEU C 9 28.80 3.83 4.23
C LEU C 9 29.44 4.51 3.03
N CYS C 10 28.92 5.68 2.70
CA CYS C 10 29.36 6.38 1.51
C CYS C 10 30.83 6.80 1.65
N ASN C 11 31.26 7.08 2.88
CA ASN C 11 32.66 7.47 3.10
C ASN C 11 33.66 6.34 2.90
N GLU C 12 33.18 5.11 2.81
CA GLU C 12 34.06 3.97 2.59
C GLU C 12 34.48 3.81 1.13
N TYR C 13 33.82 4.54 0.23
CA TYR C 13 34.03 4.35 -1.21
C TYR C 13 34.64 5.57 -1.89
N GLN C 14 35.49 5.30 -2.87
CA GLN C 14 36.03 6.34 -3.74
C GLN C 14 34.97 6.76 -4.76
N ASN C 15 35.03 8.03 -5.16
CA ASN C 15 34.18 8.57 -6.21
C ASN C 15 32.70 8.55 -5.88
N THR C 16 32.37 8.54 -4.60
CA THR C 16 30.96 8.64 -4.21
C THR C 16 30.74 9.91 -3.43
N MET C 17 29.50 10.39 -3.43
CA MET C 17 29.16 11.50 -2.57
C MET C 17 27.70 11.38 -2.12
N ILE C 18 27.41 12.03 -1.00
CA ILE C 18 26.05 12.09 -0.47
C ILE C 18 25.33 13.28 -1.05
N TYR C 19 24.14 13.04 -1.57
CA TYR C 19 23.24 14.10 -1.96
C TYR C 19 22.06 14.14 -1.00
N SER C 20 21.84 15.28 -0.35
CA SER C 20 20.67 15.44 0.51
CA SER C 20 20.68 15.44 0.51
C SER C 20 19.55 16.04 -0.33
N LEU C 21 18.48 15.29 -0.50
CA LEU C 21 17.42 15.68 -1.42
C LEU C 21 16.16 16.13 -0.72
N ASN C 22 15.61 15.26 0.12
CA ASN C 22 14.32 15.50 0.76
C ASN C 22 13.26 15.87 -0.28
N LYS C 23 13.21 15.08 -1.34
CA LYS C 23 12.27 15.29 -2.45
C LYS C 23 11.72 13.98 -2.95
N GLU C 24 10.51 14.03 -3.52
CA GLU C 24 9.90 12.89 -4.18
C GLU C 24 10.48 12.72 -5.57
N ILE C 25 10.47 11.50 -6.10
CA ILE C 25 10.88 11.30 -7.49
C ILE C 25 9.86 11.92 -8.44
N ALA C 26 10.33 12.73 -9.41
CA ALA C 26 9.45 13.37 -10.37
C ALA C 26 9.23 12.50 -11.61
N THR C 27 10.26 11.78 -12.04
CA THR C 27 10.16 10.95 -13.24
CA THR C 27 10.15 10.94 -13.23
C THR C 27 10.85 9.60 -13.02
N TYR C 28 10.20 8.52 -13.46
CA TYR C 28 10.71 7.17 -13.33
C TYR C 28 10.76 6.57 -14.73
N THR C 29 11.93 6.11 -15.16
CA THR C 29 12.08 5.52 -16.49
C THR C 29 12.69 4.13 -16.35
N GLU C 30 12.08 3.17 -17.02
CA GLU C 30 12.49 1.78 -16.88
C GLU C 30 12.62 1.20 -18.28
N SER C 31 13.75 0.54 -18.54
CA SER C 31 14.03 -0.01 -19.86
C SER C 31 14.40 -1.49 -19.82
N LEU C 32 13.84 -2.27 -20.74
CA LEU C 32 14.22 -3.68 -20.92
C LEU C 32 15.01 -3.87 -22.22
N ALA C 33 15.28 -2.77 -22.92
CA ALA C 33 15.97 -2.86 -24.21
C ALA C 33 17.38 -3.44 -24.06
N GLY C 34 17.80 -4.29 -24.99
CA GLY C 34 19.09 -4.98 -24.90
C GLY C 34 20.27 -4.04 -24.69
N LYS C 35 21.06 -4.34 -23.65
CA LYS C 35 22.24 -3.56 -23.22
C LYS C 35 21.88 -2.25 -22.54
N ARG C 36 20.59 -1.96 -22.41
CA ARG C 36 20.14 -0.78 -21.67
C ARG C 36 19.08 -1.16 -20.66
N GLU C 37 19.29 -2.29 -19.99
CA GLU C 37 18.36 -2.79 -18.98
C GLU C 37 18.60 -2.06 -17.67
N MET C 38 17.94 -0.92 -17.51
CA MET C 38 18.27 0.02 -16.43
C MET C 38 17.07 0.83 -15.99
N VAL C 39 17.25 1.55 -14.88
CA VAL C 39 16.25 2.47 -14.37
C VAL C 39 16.91 3.83 -14.21
N ILE C 40 16.18 4.86 -14.61
CA ILE C 40 16.64 6.24 -14.45
C ILE C 40 15.57 7.00 -13.69
N ILE C 41 15.99 7.77 -12.69
CA ILE C 41 15.04 8.62 -11.97
C ILE C 41 15.52 10.06 -12.02
N SER C 42 14.57 11.00 -11.98
CA SER C 42 14.94 12.38 -11.88
C SER C 42 14.03 13.10 -10.90
N PHE C 43 14.52 14.22 -10.38
CA PHE C 43 13.79 15.03 -9.42
C PHE C 43 13.35 16.32 -10.09
N SER C 44 12.51 17.09 -9.41
CA SER C 44 11.94 18.29 -10.04
C SER C 44 12.99 19.34 -10.38
N ASN C 45 14.12 19.33 -9.66
CA ASN C 45 15.20 20.28 -9.96
C ASN C 45 16.13 19.78 -11.07
N GLY C 46 15.76 18.69 -11.72
CA GLY C 46 16.52 18.17 -12.84
C GLY C 46 17.57 17.15 -12.47
N ALA C 47 17.82 16.97 -11.17
CA ALA C 47 18.83 16.00 -10.73
C ALA C 47 18.47 14.61 -11.21
N THR C 48 19.41 13.94 -11.86
CA THR C 48 19.12 12.65 -12.47
C THR C 48 20.09 11.57 -11.98
N PHE C 49 19.57 10.37 -11.74
CA PHE C 49 20.38 9.26 -11.25
C PHE C 49 20.03 7.98 -11.99
N GLN C 50 20.97 7.05 -12.07
CA GLN C 50 20.68 5.73 -12.65
C GLN C 50 20.95 4.61 -11.65
N VAL C 51 20.28 3.49 -11.88
CA VAL C 51 20.79 2.21 -11.40
C VAL C 51 21.43 1.56 -12.61
N GLU C 52 22.71 1.22 -12.51
CA GLU C 52 23.47 0.82 -13.68
C GLU C 52 23.00 -0.49 -14.26
N VAL C 53 23.18 -0.65 -15.56
CA VAL C 53 23.06 -1.96 -16.20
C VAL C 53 24.01 -2.95 -15.51
N PRO C 54 23.51 -4.14 -15.15
CA PRO C 54 24.43 -5.09 -14.51
C PRO C 54 25.60 -5.41 -15.43
N GLY C 55 26.80 -5.45 -14.86
CA GLY C 55 27.98 -5.71 -15.68
C GLY C 55 29.17 -6.19 -14.88
N SER C 56 30.35 -6.12 -15.48
CA SER C 56 31.56 -6.67 -14.88
C SER C 56 32.07 -5.82 -13.71
N GLN C 57 31.54 -4.61 -13.56
CA GLN C 57 31.89 -3.77 -12.42
C GLN C 57 31.16 -4.21 -11.15
N HIS C 58 30.29 -5.20 -11.28
CA HIS C 58 29.49 -5.67 -10.15
C HIS C 58 29.92 -7.04 -9.67
N LEU C 59 30.04 -7.20 -8.36
CA LEU C 59 30.24 -8.52 -7.78
C LEU C 59 28.98 -9.36 -7.96
N GLU C 60 29.14 -10.68 -7.86
CA GLU C 60 27.96 -11.54 -7.88
C GLU C 60 27.04 -11.16 -6.71
N SER C 61 27.64 -10.73 -5.61
CA SER C 61 26.85 -10.35 -4.43
C SER C 61 26.03 -9.07 -4.64
N GLN C 62 26.29 -8.35 -5.74
CA GLN C 62 25.55 -7.13 -6.01
C GLN C 62 24.38 -7.34 -6.96
N LYS C 63 24.29 -8.53 -7.56
CA LYS C 63 23.27 -8.77 -8.56
C LYS C 63 21.84 -8.68 -8.00
N ARG C 64 21.56 -9.37 -6.90
CA ARG C 64 20.24 -9.21 -6.29
C ARG C 64 20.02 -7.83 -5.68
N PRO C 65 21.04 -7.23 -5.02
CA PRO C 65 20.84 -5.85 -4.56
C PRO C 65 20.53 -4.83 -5.67
N LEU C 66 21.08 -5.00 -6.88
CA LEU C 66 20.71 -4.10 -7.97
C LEU C 66 19.21 -4.16 -8.23
N GLU C 67 18.67 -5.38 -8.25
CA GLU C 67 17.25 -5.57 -8.50
C GLU C 67 16.43 -5.04 -7.33
N ARG C 68 16.92 -5.23 -6.11
CA ARG C 68 16.21 -4.70 -4.93
C ARG C 68 16.10 -3.17 -5.02
N MET C 69 17.19 -2.50 -5.37
CA MET C 69 17.18 -1.03 -5.47
C MET C 69 16.17 -0.56 -6.50
N LYS C 70 16.11 -1.23 -7.64
CA LYS C 70 15.15 -0.87 -8.67
C LYS C 70 13.72 -1.04 -8.15
N ASP C 71 13.48 -2.10 -7.36
CA ASP C 71 12.17 -2.32 -6.73
C ASP C 71 11.84 -1.17 -5.77
N THR C 72 12.83 -0.81 -4.96
CA THR C 72 12.65 0.27 -4.00
C THR C 72 12.36 1.61 -4.69
N LEU C 73 13.10 1.92 -5.76
CA LEU C 73 12.85 3.17 -6.49
C LEU C 73 11.46 3.20 -7.15
N ARG C 74 11.01 2.09 -7.71
CA ARG C 74 9.67 2.03 -8.27
C ARG C 74 8.62 2.27 -7.17
N ALA C 75 8.77 1.61 -6.02
CA ALA C 75 7.82 1.82 -4.92
C ALA C 75 7.84 3.26 -4.45
N ALA C 76 9.05 3.83 -4.34
CA ALA C 76 9.20 5.23 -3.98
C ALA C 76 8.49 6.14 -4.98
N TYR C 77 8.64 5.86 -6.28
CA TYR C 77 7.96 6.71 -7.28
C TYR C 77 6.43 6.62 -7.11
N PHE C 78 5.90 5.40 -7.01
CA PHE C 78 4.46 5.22 -6.96
C PHE C 78 3.82 5.87 -5.72
N THR C 79 4.53 5.80 -4.60
CA THR C 79 4.00 6.29 -3.32
C THR C 79 4.32 7.78 -3.12
N GLY C 80 5.22 8.30 -3.94
CA GLY C 80 5.62 9.70 -3.82
C GLY C 80 6.36 9.95 -2.52
N ILE C 81 7.04 8.94 -1.99
CA ILE C 81 7.69 9.12 -0.71
C ILE C 81 8.91 10.02 -0.89
N LYS C 82 9.25 10.81 0.13
CA LYS C 82 10.42 11.65 -0.04
C LYS C 82 11.68 10.84 0.18
N ILE C 83 12.62 11.08 -0.71
CA ILE C 83 13.94 10.48 -0.58
C ILE C 83 14.81 11.44 0.21
N SER C 84 15.38 10.96 1.31
CA SER C 84 16.17 11.82 2.17
C SER C 84 17.58 12.06 1.61
N LYS C 85 18.29 10.96 1.38
CA LYS C 85 19.66 11.03 0.85
C LYS C 85 19.92 9.94 -0.18
N LEU C 86 20.77 10.23 -1.15
CA LEU C 86 21.34 9.21 -2.01
C LEU C 86 22.85 9.24 -1.87
N CYS C 87 23.46 8.07 -1.81
CA CYS C 87 24.89 7.94 -1.99
C CYS C 87 25.09 7.55 -3.44
N ALA C 88 25.85 8.33 -4.22
CA ALA C 88 25.96 8.05 -5.65
C ALA C 88 27.41 8.10 -6.10
N TRP C 89 27.75 7.24 -7.06
CA TRP C 89 29.03 7.36 -7.76
C TRP C 89 28.96 8.56 -8.71
N THR C 90 29.94 9.45 -8.61
CA THR C 90 29.96 10.69 -9.40
C THR C 90 30.75 10.52 -10.70
N ASN C 91 31.43 9.37 -10.83
CA ASN C 91 32.20 9.09 -12.04
C ASN C 91 31.36 8.33 -13.06
N LYS C 92 30.06 8.50 -12.98
CA LYS C 92 29.13 7.99 -13.97
C LYS C 92 28.21 9.10 -14.40
N SER C 93 27.71 9.00 -15.63
CA SER C 93 26.71 9.94 -16.12
C SER C 93 25.54 9.17 -16.70
N PRO C 94 24.34 9.29 -16.07
CA PRO C 94 23.98 10.00 -14.84
C PRO C 94 24.75 9.48 -13.64
N ASN C 95 24.86 10.25 -12.55
CA ASN C 95 25.42 9.68 -11.33
C ASN C 95 24.68 8.40 -10.99
N SER C 96 25.41 7.41 -10.46
CA SER C 96 24.88 6.05 -10.24
C SER C 96 24.60 5.74 -8.78
N ILE C 97 23.40 5.25 -8.47
CA ILE C 97 23.02 5.07 -7.06
C ILE C 97 23.73 3.88 -6.42
N ALA C 98 24.38 4.14 -5.29
CA ALA C 98 25.02 3.10 -4.46
C ALA C 98 24.19 2.79 -3.21
N ALA C 99 23.53 3.79 -2.65
CA ALA C 99 22.68 3.56 -1.49
C ALA C 99 21.62 4.64 -1.38
N ILE C 100 20.55 4.33 -0.67
CA ILE C 100 19.45 5.26 -0.50
C ILE C 100 19.04 5.32 0.97
N GLU C 101 18.65 6.49 1.43
CA GLU C 101 18.09 6.66 2.78
C GLU C 101 16.72 7.30 2.68
N LEU C 102 15.74 6.68 3.33
CA LEU C 102 14.42 7.26 3.45
C LEU C 102 14.24 7.60 4.90
N SER C 103 13.79 8.81 5.21
CA SER C 103 13.67 9.17 6.63
C SER C 103 12.39 9.92 6.96
N ASN C 104 11.80 9.59 8.12
CA ASN C 104 10.60 10.26 8.59
C ASN C 104 10.85 11.64 9.19
N LEU C 105 12.13 12.02 9.30
CA LEU C 105 12.49 13.34 9.81
C LEU C 105 12.67 14.33 8.66
N MET D 1 12.07 -28.66 20.61
CA MET D 1 10.73 -28.07 20.61
C MET D 1 10.67 -26.84 19.73
N THR D 2 9.74 -26.82 18.78
CA THR D 2 9.52 -25.61 17.99
C THR D 2 8.93 -24.54 18.90
N PRO D 3 9.53 -23.34 18.85
CA PRO D 3 9.11 -22.16 19.60
C PRO D 3 7.70 -21.74 19.20
N GLN D 4 7.00 -21.04 20.07
CA GLN D 4 5.64 -20.62 19.76
C GLN D 4 5.54 -19.11 19.47
N ASN D 5 6.63 -18.38 19.70
CA ASN D 5 6.63 -16.92 19.62
C ASN D 5 8.07 -16.41 19.53
N ILE D 6 8.25 -15.10 19.37
CA ILE D 6 9.60 -14.60 19.10
C ILE D 6 10.52 -14.77 20.33
N THR D 7 9.94 -14.74 21.52
CA THR D 7 10.74 -14.88 22.73
C THR D 7 11.31 -16.29 22.85
N ASP D 8 10.48 -17.30 22.60
CA ASP D 8 10.94 -18.70 22.58
C ASP D 8 12.07 -18.87 21.57
N LEU D 9 11.87 -18.27 20.40
CA LEU D 9 12.82 -18.37 19.30
C LEU D 9 14.15 -17.77 19.70
N CYS D 10 14.07 -16.57 20.25
CA CYS D 10 15.27 -15.82 20.59
C CYS D 10 16.03 -16.52 21.70
N ASN D 11 15.31 -17.21 22.58
CA ASN D 11 15.96 -17.95 23.67
C ASN D 11 16.77 -19.19 23.25
N GLU D 12 16.61 -19.61 22.00
CA GLU D 12 17.37 -20.75 21.49
C GLU D 12 18.78 -20.37 21.05
N TYR D 13 19.08 -19.07 20.96
CA TYR D 13 20.35 -18.63 20.40
C TYR D 13 21.24 -17.96 21.44
N GLN D 14 22.56 -18.19 21.33
CA GLN D 14 23.49 -17.43 22.13
C GLN D 14 23.65 -16.05 21.51
N ASN D 15 23.87 -15.08 22.38
CA ASN D 15 24.17 -13.71 22.00
C ASN D 15 23.06 -12.98 21.27
N THR D 16 21.82 -13.38 21.51
CA THR D 16 20.67 -12.64 21.00
C THR D 16 19.89 -12.03 22.15
N MET D 17 19.15 -10.97 21.87
CA MET D 17 18.31 -10.35 22.87
C MET D 17 17.04 -9.84 22.22
N ILE D 18 15.96 -9.78 23.00
CA ILE D 18 14.71 -9.19 22.52
C ILE D 18 14.72 -7.69 22.82
N TYR D 19 14.45 -6.90 21.79
CA TYR D 19 14.28 -5.46 21.88
C TYR D 19 12.81 -5.14 21.65
N SER D 20 12.20 -4.47 22.60
CA SER D 20 10.81 -4.02 22.43
C SER D 20 10.72 -2.58 22.00
N LEU D 21 10.09 -2.35 20.85
CA LEU D 21 10.07 -1.04 20.23
C LEU D 21 8.66 -0.43 20.27
N ASN D 22 7.67 -1.15 19.73
CA ASN D 22 6.30 -0.62 19.55
C ASN D 22 6.34 0.75 18.90
N LYS D 23 7.16 0.87 17.86
CA LYS D 23 7.35 2.10 17.11
C LYS D 23 7.51 1.80 15.64
N GLU D 24 7.20 2.77 14.81
CA GLU D 24 7.50 2.64 13.38
C GLU D 24 8.98 2.90 13.14
N ILE D 25 9.48 2.39 12.02
CA ILE D 25 10.86 2.65 11.58
C ILE D 25 10.96 4.12 11.21
N ALA D 26 11.96 4.80 11.77
CA ALA D 26 12.15 6.22 11.52
C ALA D 26 13.02 6.47 10.30
N THR D 27 14.00 5.59 10.08
CA THR D 27 14.93 5.72 8.97
C THR D 27 15.23 4.35 8.35
N TYR D 28 15.19 4.27 7.02
CA TYR D 28 15.46 3.04 6.27
C TYR D 28 16.60 3.31 5.30
N THR D 29 17.66 2.53 5.38
CA THR D 29 18.82 2.72 4.50
C THR D 29 19.11 1.42 3.80
N GLU D 30 19.30 1.50 2.48
CA GLU D 30 19.53 0.29 1.69
C GLU D 30 20.72 0.52 0.77
N SER D 31 21.66 -0.42 0.75
CA SER D 31 22.88 -0.26 -0.02
C SER D 31 23.12 -1.43 -0.95
N LEU D 32 23.55 -1.13 -2.18
CA LEU D 32 23.95 -2.16 -3.11
C LEU D 32 25.48 -2.15 -3.30
N ALA D 33 26.17 -1.28 -2.58
CA ALA D 33 27.62 -1.13 -2.77
C ALA D 33 28.37 -2.42 -2.42
N GLY D 34 29.38 -2.76 -3.22
CA GLY D 34 30.11 -4.00 -3.05
C GLY D 34 30.65 -4.24 -1.65
N LYS D 35 30.32 -5.41 -1.09
CA LYS D 35 30.71 -5.85 0.26
C LYS D 35 29.90 -5.14 1.35
N ARG D 36 28.99 -4.26 0.95
CA ARG D 36 28.09 -3.61 1.91
C ARG D 36 26.65 -3.72 1.43
N GLU D 37 26.28 -4.87 0.91
CA GLU D 37 24.93 -5.08 0.41
C GLU D 37 24.01 -5.40 1.59
N MET D 38 23.46 -4.36 2.21
CA MET D 38 22.79 -4.50 3.50
C MET D 38 21.69 -3.48 3.67
N VAL D 39 20.90 -3.66 4.71
CA VAL D 39 19.85 -2.73 5.10
C VAL D 39 20.09 -2.34 6.54
N ILE D 40 19.91 -1.06 6.84
CA ILE D 40 20.02 -0.52 8.20
C ILE D 40 18.75 0.19 8.50
N ILE D 41 18.17 -0.06 9.67
CA ILE D 41 16.99 0.69 10.08
C ILE D 41 17.26 1.35 11.42
N SER D 42 16.60 2.47 11.68
CA SER D 42 16.73 3.05 13.02
C SER D 42 15.37 3.59 13.46
N PHE D 43 15.23 3.72 14.77
CA PHE D 43 13.99 4.19 15.38
C PHE D 43 14.19 5.59 15.95
N SER D 44 13.10 6.24 16.35
CA SER D 44 13.20 7.63 16.80
C SER D 44 14.02 7.77 18.09
N ASN D 45 14.14 6.69 18.88
CA ASN D 45 14.96 6.73 20.11
C ASN D 45 16.44 6.44 19.82
N GLY D 46 16.81 6.33 18.54
CA GLY D 46 18.20 6.16 18.16
C GLY D 46 18.64 4.70 18.03
N ALA D 47 17.80 3.76 18.46
CA ALA D 47 18.12 2.33 18.32
C ALA D 47 18.31 1.98 16.85
N THR D 48 19.40 1.30 16.54
CA THR D 48 19.78 1.03 15.14
C THR D 48 20.01 -0.47 14.96
N PHE D 49 19.54 -1.02 13.84
CA PHE D 49 19.69 -2.45 13.56
C PHE D 49 20.08 -2.67 12.12
N GLN D 50 20.69 -3.81 11.83
CA GLN D 50 21.00 -4.16 10.44
C GLN D 50 20.44 -5.52 10.07
N VAL D 51 20.23 -5.73 8.77
CA VAL D 51 20.19 -7.06 8.20
C VAL D 51 21.56 -7.25 7.57
N GLU D 52 22.30 -8.26 8.00
CA GLU D 52 23.71 -8.39 7.62
C GLU D 52 23.90 -8.68 6.14
N VAL D 53 25.04 -8.27 5.62
CA VAL D 53 25.51 -8.73 4.31
C VAL D 53 25.58 -10.26 4.34
N PRO D 54 25.02 -10.93 3.33
CA PRO D 54 25.10 -12.40 3.32
C PRO D 54 26.55 -12.88 3.28
N GLY D 55 26.88 -13.89 4.07
CA GLY D 55 28.25 -14.37 4.14
C GLY D 55 28.37 -15.77 4.68
N SER D 56 29.58 -16.12 5.14
CA SER D 56 29.85 -17.48 5.59
C SER D 56 29.19 -17.80 6.93
N GLN D 57 28.72 -16.77 7.65
CA GLN D 57 28.01 -16.99 8.90
C GLN D 57 26.58 -17.45 8.65
N HIS D 58 26.20 -17.50 7.37
CA HIS D 58 24.83 -17.87 7.01
C HIS D 58 24.73 -19.25 6.37
N LEU D 59 23.77 -20.04 6.83
CA LEU D 59 23.44 -21.28 6.16
C LEU D 59 22.79 -21.01 4.80
N GLU D 60 22.83 -21.98 3.90
CA GLU D 60 22.15 -21.84 2.62
C GLU D 60 20.65 -21.61 2.83
N SER D 61 20.10 -22.24 3.87
CA SER D 61 18.69 -22.08 4.20
C SER D 61 18.33 -20.67 4.70
N GLN D 62 19.33 -19.84 4.98
CA GLN D 62 19.08 -18.46 5.43
C GLN D 62 19.13 -17.44 4.30
N LYS D 63 19.55 -17.86 3.13
CA LYS D 63 19.76 -16.89 2.05
C LYS D 63 18.45 -16.22 1.65
N ARG D 64 17.43 -17.02 1.37
CA ARG D 64 16.13 -16.46 1.01
C ARG D 64 15.45 -15.74 2.21
N PRO D 65 15.53 -16.33 3.42
CA PRO D 65 15.01 -15.55 4.57
C PRO D 65 15.66 -14.19 4.79
N LEU D 66 16.95 -14.04 4.49
CA LEU D 66 17.57 -12.71 4.59
C LEU D 66 16.88 -11.73 3.65
N GLU D 67 16.60 -12.18 2.43
CA GLU D 67 15.94 -11.29 1.47
C GLU D 67 14.49 -11.02 1.89
N ARG D 68 13.84 -12.03 2.45
CA ARG D 68 12.46 -11.84 2.92
C ARG D 68 12.40 -10.77 4.02
N MET D 69 13.36 -10.82 4.95
CA MET D 69 13.40 -9.87 6.06
C MET D 69 13.60 -8.45 5.52
N LYS D 70 14.49 -8.30 4.55
CA LYS D 70 14.68 -6.98 3.98
C LYS D 70 13.38 -6.49 3.32
N ASP D 71 12.65 -7.40 2.67
CA ASP D 71 11.36 -7.04 2.06
C ASP D 71 10.38 -6.55 3.13
N THR D 72 10.32 -7.31 4.24
CA THR D 72 9.40 -6.98 5.33
C THR D 72 9.73 -5.62 5.95
N LEU D 73 11.01 -5.34 6.17
CA LEU D 73 11.39 -4.04 6.76
C LEU D 73 11.06 -2.88 5.84
N ARG D 74 11.30 -3.05 4.55
CA ARG D 74 10.96 -1.99 3.59
C ARG D 74 9.45 -1.74 3.60
N ALA D 75 8.67 -2.81 3.57
CA ALA D 75 7.21 -2.67 3.56
C ALA D 75 6.73 -2.00 4.85
N ALA D 76 7.31 -2.38 6.00
CA ALA D 76 6.96 -1.73 7.27
C ALA D 76 7.30 -0.24 7.24
N TYR D 77 8.46 0.10 6.70
CA TYR D 77 8.85 1.51 6.63
C TYR D 77 7.83 2.30 5.78
N PHE D 78 7.53 1.80 4.58
CA PHE D 78 6.65 2.53 3.66
C PHE D 78 5.24 2.69 4.23
N THR D 79 4.77 1.68 4.95
CA THR D 79 3.39 1.68 5.47
C THR D 79 3.28 2.35 6.85
N GLY D 80 4.43 2.57 7.49
CA GLY D 80 4.48 3.22 8.79
C GLY D 80 3.89 2.39 9.92
N ILE D 81 3.89 1.08 9.76
CA ILE D 81 3.34 0.23 10.83
C ILE D 81 4.33 0.02 11.96
N LYS D 82 3.81 -0.22 13.15
CA LYS D 82 4.68 -0.39 14.29
C LYS D 82 5.36 -1.74 14.31
N ILE D 83 6.63 -1.71 14.66
CA ILE D 83 7.39 -2.91 14.93
C ILE D 83 7.27 -3.21 16.42
N SER D 84 6.80 -4.39 16.77
CA SER D 84 6.63 -4.73 18.18
C SER D 84 7.95 -5.14 18.85
N LYS D 85 8.58 -6.16 18.29
CA LYS D 85 9.84 -6.67 18.87
C LYS D 85 10.81 -7.04 17.77
N LEU D 86 12.10 -6.90 18.06
CA LEU D 86 13.16 -7.46 17.24
C LEU D 86 13.96 -8.40 18.12
N CYS D 87 14.30 -9.56 17.58
CA CYS D 87 15.33 -10.40 18.16
C CYS D 87 16.61 -10.12 17.40
N ALA D 88 17.66 -9.71 18.10
CA ALA D 88 18.88 -9.31 17.44
C ALA D 88 20.13 -9.84 18.12
N TRP D 89 21.15 -10.13 17.32
CA TRP D 89 22.46 -10.49 17.82
C TRP D 89 23.17 -9.28 18.41
N THR D 90 23.69 -9.45 19.63
CA THR D 90 24.28 -8.34 20.33
C THR D 90 25.77 -8.20 20.04
N ASN D 91 26.37 -9.22 19.42
CA ASN D 91 27.81 -9.18 19.10
C ASN D 91 28.08 -8.69 17.67
N LYS D 92 27.14 -7.95 17.13
CA LYS D 92 27.32 -7.24 15.87
C LYS D 92 26.98 -5.78 16.09
N SER D 93 27.59 -4.89 15.32
CA SER D 93 27.23 -3.48 15.40
C SER D 93 27.02 -2.91 13.99
N PRO D 94 25.81 -2.41 13.67
CA PRO D 94 24.58 -2.39 14.48
C PRO D 94 24.12 -3.78 14.83
N ASN D 95 23.31 -3.87 15.87
CA ASN D 95 22.73 -5.14 16.26
C ASN D 95 22.06 -5.78 15.04
N SER D 96 22.24 -7.09 14.89
CA SER D 96 21.84 -7.75 13.67
C SER D 96 20.53 -8.52 13.84
N ILE D 97 19.58 -8.26 12.95
CA ILE D 97 18.23 -8.82 13.13
C ILE D 97 18.16 -10.31 12.84
N ALA D 98 17.62 -11.07 13.80
CA ALA D 98 17.37 -12.50 13.64
C ALA D 98 15.89 -12.80 13.40
N ALA D 99 15.03 -12.01 14.03
CA ALA D 99 13.57 -12.20 13.90
C ALA D 99 12.86 -10.90 14.21
N ILE D 100 11.63 -10.80 13.70
CA ILE D 100 10.80 -9.63 13.90
C ILE D 100 9.40 -10.08 14.31
N GLU D 101 8.76 -9.29 15.16
CA GLU D 101 7.35 -9.49 15.51
C GLU D 101 6.59 -8.20 15.25
N LEU D 102 5.47 -8.32 14.55
CA LEU D 102 4.56 -7.21 14.34
C LEU D 102 3.29 -7.56 15.04
N SER D 103 2.74 -6.62 15.80
CA SER D 103 1.53 -6.89 16.56
C SER D 103 0.60 -5.69 16.58
N ASN D 104 -0.71 -5.91 16.47
CA ASN D 104 -1.63 -4.78 16.61
C ASN D 104 -2.27 -4.72 18.01
N LEU D 105 -1.54 -4.19 18.99
CA LEU D 105 -2.08 -4.02 20.34
C LEU D 105 -2.60 -2.59 20.61
N THR E 2 -9.92 -33.34 -8.30
CA THR E 2 -9.44 -32.06 -7.79
C THR E 2 -10.47 -31.40 -6.88
N PRO E 3 -10.02 -30.97 -5.68
CA PRO E 3 -10.89 -30.28 -4.73
C PRO E 3 -11.43 -28.95 -5.27
N GLN E 4 -12.57 -28.54 -4.76
CA GLN E 4 -13.22 -27.28 -5.17
C GLN E 4 -13.15 -26.21 -4.08
N ASN E 5 -12.67 -26.60 -2.90
CA ASN E 5 -12.68 -25.70 -1.75
C ASN E 5 -11.77 -26.23 -0.65
N ILE E 6 -11.57 -25.45 0.41
CA ILE E 6 -10.59 -25.82 1.41
C ILE E 6 -11.04 -27.05 2.23
N THR E 7 -12.34 -27.23 2.40
CA THR E 7 -12.79 -28.40 3.17
C THR E 7 -12.50 -29.68 2.40
N ASP E 8 -12.81 -29.70 1.10
CA ASP E 8 -12.45 -30.83 0.25
C ASP E 8 -10.95 -31.11 0.28
N LEU E 9 -10.15 -30.05 0.19
CA LEU E 9 -8.72 -30.19 0.14
C LEU E 9 -8.18 -30.79 1.44
N CYS E 10 -8.64 -30.24 2.55
CA CYS E 10 -8.18 -30.63 3.87
C CYS E 10 -8.58 -32.08 4.16
N ASN E 11 -9.72 -32.50 3.63
CA ASN E 11 -10.14 -33.89 3.78
C ASN E 11 -9.32 -34.89 2.98
N GLU E 12 -8.48 -34.40 2.07
CA GLU E 12 -7.61 -35.31 1.33
C GLU E 12 -6.37 -35.69 2.12
N TYR E 13 -6.12 -35.01 3.23
CA TYR E 13 -4.90 -35.22 4.01
C TYR E 13 -5.16 -35.77 5.39
N GLN E 14 -4.28 -36.66 5.84
CA GLN E 14 -4.33 -37.18 7.20
C GLN E 14 -3.82 -36.13 8.18
N ASN E 15 -4.33 -36.18 9.41
CA ASN E 15 -3.79 -35.37 10.50
C ASN E 15 -4.00 -33.87 10.32
N THR E 16 -5.07 -33.47 9.63
CA THR E 16 -5.41 -32.05 9.50
C THR E 16 -6.73 -31.68 10.19
N MET E 17 -6.87 -30.39 10.50
CA MET E 17 -8.10 -29.85 11.05
C MET E 17 -8.38 -28.49 10.44
N ILE E 18 -9.66 -28.14 10.37
CA ILE E 18 -10.12 -26.83 9.91
C ILE E 18 -10.34 -25.89 11.08
N TYR E 19 -9.80 -24.67 10.99
CA TYR E 19 -10.14 -23.59 11.91
C TYR E 19 -10.87 -22.47 11.15
N SER E 20 -12.09 -22.16 11.55
CA SER E 20 -12.86 -21.07 10.96
C SER E 20 -12.62 -19.88 11.85
N LEU E 21 -11.93 -18.88 11.33
CA LEU E 21 -11.45 -17.82 12.18
C LEU E 21 -12.26 -16.56 11.97
N ASN E 22 -12.35 -16.12 10.72
CA ASN E 22 -12.98 -14.85 10.39
C ASN E 22 -12.41 -13.73 11.25
N LYS E 23 -11.10 -13.73 11.37
CA LYS E 23 -10.39 -12.72 12.16
C LYS E 23 -9.14 -12.29 11.41
N GLU E 24 -8.70 -11.06 11.66
CA GLU E 24 -7.42 -10.63 11.13
C GLU E 24 -6.31 -11.26 11.97
N ILE E 25 -5.12 -11.36 11.39
CA ILE E 25 -3.95 -11.83 12.14
C ILE E 25 -3.59 -10.80 13.20
N ALA E 26 -3.42 -11.23 14.45
CA ALA E 26 -3.10 -10.31 15.54
C ALA E 26 -1.61 -10.10 15.68
N THR E 27 -0.86 -11.16 15.43
N THR E 27 -0.84 -11.18 15.50
CA THR E 27 0.60 -11.12 15.58
CA THR E 27 0.62 -11.09 15.58
C THR E 27 1.27 -11.88 14.44
C THR E 27 1.26 -11.87 14.44
N TYR E 28 2.30 -11.28 13.87
CA TYR E 28 3.04 -11.88 12.77
C TYR E 28 4.50 -11.92 13.20
N THR E 29 5.10 -13.11 13.17
CA THR E 29 6.49 -13.29 13.56
C THR E 29 7.25 -13.97 12.43
N GLU E 30 8.41 -13.42 12.10
CA GLU E 30 9.19 -13.90 10.99
C GLU E 30 10.65 -14.05 11.43
N SER E 31 11.25 -15.20 11.17
CA SER E 31 12.60 -15.46 11.65
C SER E 31 13.51 -15.89 10.53
N LEU E 32 14.75 -15.37 10.50
CA LEU E 32 15.76 -15.83 9.55
C LEU E 32 16.86 -16.62 10.25
N ALA E 33 16.70 -16.83 11.56
CA ALA E 33 17.74 -17.49 12.35
C ALA E 33 17.96 -18.93 11.88
N GLY E 34 19.22 -19.36 11.88
CA GLY E 34 19.59 -20.66 11.36
C GLY E 34 18.79 -21.83 11.95
N LYS E 35 18.20 -22.62 11.05
CA LYS E 35 17.40 -23.81 11.42
C LYS E 35 16.01 -23.43 11.95
N ARG E 36 15.71 -22.13 12.05
CA ARG E 36 14.38 -21.66 12.45
C ARG E 36 13.86 -20.62 11.48
N GLU E 37 14.07 -20.87 10.19
CA GLU E 37 13.63 -19.95 9.15
C GLU E 37 12.15 -20.18 8.86
N MET E 38 11.31 -19.48 9.61
CA MET E 38 9.89 -19.79 9.66
C MET E 38 9.03 -18.57 9.93
N VAL E 39 7.73 -18.74 9.78
CA VAL E 39 6.79 -17.70 10.10
C VAL E 39 5.79 -18.25 11.08
N ILE E 40 5.44 -17.46 12.09
CA ILE E 40 4.42 -17.86 13.08
C ILE E 40 3.37 -16.77 13.11
N ILE E 41 2.09 -17.15 13.09
CA ILE E 41 1.04 -16.16 13.23
C ILE E 41 0.12 -16.54 14.39
N SER E 42 -0.50 -15.56 15.01
CA SER E 42 -1.51 -15.84 16.02
C SER E 42 -2.68 -14.87 15.89
N PHE E 43 -3.81 -15.29 16.46
CA PHE E 43 -5.04 -14.51 16.42
C PHE E 43 -5.39 -13.99 17.81
N SER E 44 -6.38 -13.12 17.91
CA SER E 44 -6.67 -12.45 19.18
C SER E 44 -7.06 -13.41 20.28
N ASN E 45 -7.62 -14.56 19.89
CA ASN E 45 -7.97 -15.57 20.88
C ASN E 45 -6.81 -16.51 21.25
N GLY E 46 -5.62 -16.21 20.75
CA GLY E 46 -4.45 -17.01 21.10
C GLY E 46 -4.12 -18.18 20.19
N ALA E 47 -5.01 -18.52 19.25
CA ALA E 47 -4.76 -19.59 18.28
C ALA E 47 -3.50 -19.26 17.48
N THR E 48 -2.59 -20.23 17.39
CA THR E 48 -1.25 -20.00 16.81
C THR E 48 -0.97 -21.02 15.70
N PHE E 49 -0.35 -20.56 14.61
CA PHE E 49 -0.01 -21.42 13.47
C PHE E 49 1.39 -21.10 12.95
N GLN E 50 2.02 -22.05 12.27
CA GLN E 50 3.31 -21.79 11.62
C GLN E 50 3.25 -22.13 10.15
N VAL E 51 4.14 -21.52 9.37
CA VAL E 51 4.56 -22.11 8.12
C VAL E 51 5.91 -22.75 8.42
N GLU E 52 6.03 -24.05 8.16
CA GLU E 52 7.19 -24.82 8.60
C GLU E 52 8.49 -24.40 7.94
N VAL E 53 9.59 -24.62 8.66
CA VAL E 53 10.93 -24.55 8.08
C VAL E 53 10.99 -25.56 6.94
N PRO E 54 11.47 -25.15 5.75
CA PRO E 54 11.57 -26.12 4.66
C PRO E 54 12.48 -27.29 5.06
N GLY E 55 12.08 -28.50 4.72
CA GLY E 55 12.87 -29.66 5.11
C GLY E 55 12.57 -30.87 4.27
N SER E 56 12.97 -32.04 4.77
CA SER E 56 12.86 -33.28 4.03
C SER E 56 11.42 -33.78 3.97
N GLN E 57 10.54 -33.21 4.79
CA GLN E 57 9.13 -33.59 4.74
C GLN E 57 8.43 -32.91 3.57
N HIS E 58 9.15 -32.04 2.85
CA HIS E 58 8.56 -31.29 1.74
C HIS E 58 9.04 -31.79 0.39
N LEU E 59 8.11 -31.95 -0.54
CA LEU E 59 8.43 -32.21 -1.94
C LEU E 59 9.10 -30.99 -2.55
N GLU E 60 9.84 -31.20 -3.63
CA GLU E 60 10.45 -30.09 -4.36
C GLU E 60 9.33 -29.14 -4.84
N SER E 61 8.18 -29.72 -5.18
CA SER E 61 7.04 -28.93 -5.64
C SER E 61 6.43 -28.05 -4.54
N GLN E 62 6.83 -28.27 -3.29
CA GLN E 62 6.28 -27.44 -2.19
C GLN E 62 7.17 -26.26 -1.80
N LYS E 63 8.38 -26.18 -2.35
CA LYS E 63 9.33 -25.16 -1.94
C LYS E 63 8.83 -23.76 -2.27
N ARG E 64 8.40 -23.55 -3.51
CA ARG E 64 7.85 -22.25 -3.88
C ARG E 64 6.50 -21.97 -3.19
N PRO E 65 5.61 -22.98 -3.08
CA PRO E 65 4.39 -22.73 -2.31
C PRO E 65 4.61 -22.34 -0.84
N LEU E 66 5.64 -22.86 -0.18
CA LEU E 66 5.92 -22.43 1.19
C LEU E 66 6.19 -20.92 1.20
N GLU E 67 6.95 -20.44 0.24
CA GLU E 67 7.27 -19.02 0.19
C GLU E 67 6.03 -18.18 -0.15
N ARG E 68 5.18 -18.69 -1.04
CA ARG E 68 3.96 -17.98 -1.40
C ARG E 68 3.05 -17.82 -0.18
N MET E 69 2.91 -18.88 0.61
CA MET E 69 2.07 -18.83 1.80
C MET E 69 2.60 -17.78 2.79
N LYS E 70 3.92 -17.74 2.97
CA LYS E 70 4.49 -16.72 3.84
C LYS E 70 4.21 -15.31 3.28
N ASP E 71 4.28 -15.14 1.96
CA ASP E 71 3.93 -13.88 1.32
C ASP E 71 2.47 -13.51 1.60
N THR E 72 1.59 -14.49 1.44
CA THR E 72 0.16 -14.26 1.63
C THR E 72 -0.16 -13.87 3.08
N LEU E 73 0.44 -14.56 4.04
CA LEU E 73 0.22 -14.23 5.44
C LEU E 73 0.74 -12.84 5.80
N ARG E 74 1.92 -12.48 5.30
CA ARG E 74 2.44 -11.14 5.54
C ARG E 74 1.49 -10.09 4.95
N ALA E 75 1.04 -10.31 3.72
CA ALA E 75 0.14 -9.36 3.07
C ALA E 75 -1.17 -9.20 3.87
N ALA E 76 -1.73 -10.33 4.32
CA ALA E 76 -2.94 -10.30 5.13
C ALA E 76 -2.69 -9.52 6.41
N TYR E 77 -1.54 -9.74 7.05
CA TYR E 77 -1.26 -9.02 8.29
C TYR E 77 -1.22 -7.50 8.04
N PHE E 78 -0.46 -7.09 7.03
CA PHE E 78 -0.26 -5.66 6.74
C PHE E 78 -1.59 -4.98 6.40
N THR E 79 -2.48 -5.68 5.71
CA THR E 79 -3.72 -5.06 5.26
C THR E 79 -4.89 -5.22 6.24
N GLY E 80 -4.76 -6.14 7.17
CA GLY E 80 -5.82 -6.45 8.11
C GLY E 80 -7.01 -7.16 7.48
N ILE E 81 -6.77 -7.89 6.41
CA ILE E 81 -7.91 -8.61 5.85
C ILE E 81 -8.11 -9.87 6.71
N LYS E 82 -9.35 -10.28 6.81
CA LYS E 82 -9.70 -11.41 7.66
C LYS E 82 -9.34 -12.73 7.01
N ILE E 83 -8.83 -13.66 7.81
CA ILE E 83 -8.60 -15.02 7.36
C ILE E 83 -9.87 -15.82 7.65
N SER E 84 -10.45 -16.43 6.62
CA SER E 84 -11.71 -17.14 6.80
C SER E 84 -11.48 -18.50 7.43
N LYS E 85 -10.64 -19.30 6.82
CA LYS E 85 -10.34 -20.64 7.33
C LYS E 85 -8.88 -20.98 7.13
N LEU E 86 -8.33 -21.76 8.05
CA LEU E 86 -7.04 -22.39 7.85
C LEU E 86 -7.22 -23.90 7.94
N CYS E 87 -6.58 -24.62 7.03
CA CYS E 87 -6.40 -26.06 7.16
C CYS E 87 -4.99 -26.30 7.69
N ALA E 88 -4.87 -27.01 8.79
CA ALA E 88 -3.55 -27.17 9.40
C ALA E 88 -3.28 -28.59 9.85
N TRP E 89 -2.02 -29.02 9.72
CA TRP E 89 -1.59 -30.28 10.30
C TRP E 89 -1.50 -30.15 11.81
N THR E 90 -2.09 -31.09 12.53
CA THR E 90 -2.14 -30.99 13.98
C THR E 90 -0.98 -31.70 14.67
N ASN E 91 -0.19 -32.46 13.92
CA ASN E 91 0.93 -33.16 14.55
C ASN E 91 2.21 -32.33 14.51
N LYS E 92 2.05 -31.01 14.40
CA LYS E 92 3.16 -30.06 14.54
C LYS E 92 2.76 -29.06 15.60
N SER E 93 3.73 -28.47 16.28
CA SER E 93 3.42 -27.42 17.26
C SER E 93 4.31 -26.20 17.06
N PRO E 94 3.72 -25.04 16.73
CA PRO E 94 2.32 -24.72 16.43
C PRO E 94 1.77 -25.54 15.28
N ASN E 95 0.45 -25.63 15.20
CA ASN E 95 -0.19 -26.30 14.08
C ASN E 95 0.37 -25.73 12.76
N SER E 96 0.59 -26.60 11.79
CA SER E 96 1.27 -26.20 10.57
C SER E 96 0.30 -25.97 9.42
N ILE E 97 0.39 -24.81 8.79
CA ILE E 97 -0.58 -24.44 7.78
C ILE E 97 -0.38 -25.22 6.48
N ALA E 98 -1.47 -25.85 6.01
CA ALA E 98 -1.51 -26.55 4.72
C ALA E 98 -2.24 -25.74 3.66
N ALA E 99 -3.29 -25.03 4.07
CA ALA E 99 -4.04 -24.23 3.11
C ALA E 99 -4.76 -23.09 3.82
N ILE E 100 -5.10 -22.05 3.07
CA ILE E 100 -5.77 -20.89 3.63
C ILE E 100 -6.93 -20.51 2.73
N GLU E 101 -8.00 -20.03 3.34
CA GLU E 101 -9.13 -19.47 2.62
C GLU E 101 -9.40 -18.06 3.10
N LEU E 102 -9.49 -17.14 2.14
CA LEU E 102 -9.91 -15.77 2.38
C LEU E 102 -11.26 -15.61 1.71
N SER E 103 -12.23 -15.07 2.42
CA SER E 103 -13.57 -14.95 1.86
C SER E 103 -14.12 -13.60 2.28
N ASN E 104 -14.80 -12.93 1.34
CA ASN E 104 -15.38 -11.62 1.61
C ASN E 104 -16.82 -11.58 1.11
N LEU E 105 -17.74 -12.05 1.95
CA LEU E 105 -19.15 -12.03 1.61
C LEU E 105 -20.00 -11.50 2.77
N THR F 2 -0.05 -12.64 -33.74
CA THR F 2 -0.08 -12.39 -32.29
C THR F 2 -1.46 -11.86 -31.89
N PRO F 3 -2.07 -12.46 -30.84
CA PRO F 3 -3.41 -12.01 -30.41
C PRO F 3 -3.39 -10.57 -29.94
N GLN F 4 -4.55 -9.90 -30.03
CA GLN F 4 -4.65 -8.52 -29.62
C GLN F 4 -5.43 -8.34 -28.32
N ASN F 5 -6.04 -9.43 -27.87
CA ASN F 5 -6.97 -9.38 -26.77
C ASN F 5 -7.23 -10.80 -26.29
N ILE F 6 -7.99 -10.92 -25.21
CA ILE F 6 -8.15 -12.22 -24.58
C ILE F 6 -8.99 -13.16 -25.44
N THR F 7 -9.90 -12.61 -26.22
CA THR F 7 -10.77 -13.45 -27.05
C THR F 7 -9.99 -14.11 -28.19
N ASP F 8 -9.17 -13.32 -28.88
CA ASP F 8 -8.28 -13.83 -29.91
C ASP F 8 -7.35 -14.91 -29.37
N LEU F 9 -6.78 -14.65 -28.19
CA LEU F 9 -5.85 -15.58 -27.58
C LEU F 9 -6.55 -16.88 -27.25
N CYS F 10 -7.73 -16.75 -26.64
CA CYS F 10 -8.50 -17.90 -26.20
C CYS F 10 -8.94 -18.77 -27.36
N ASN F 11 -9.20 -18.14 -28.52
CA ASN F 11 -9.61 -18.88 -29.70
C ASN F 11 -8.48 -19.70 -30.33
N GLU F 12 -7.25 -19.48 -29.90
CA GLU F 12 -6.13 -20.23 -30.44
C GLU F 12 -6.03 -21.61 -29.82
N TYR F 13 -6.79 -21.82 -28.75
CA TYR F 13 -6.69 -23.06 -27.99
C TYR F 13 -7.98 -23.85 -28.03
N GLN F 14 -7.82 -25.17 -28.09
CA GLN F 14 -8.96 -26.09 -27.96
C GLN F 14 -9.34 -26.28 -26.51
N ASN F 15 -10.62 -26.56 -26.30
CA ASN F 15 -11.15 -26.86 -24.97
C ASN F 15 -11.06 -25.67 -24.03
N THR F 16 -11.06 -24.48 -24.60
CA THR F 16 -11.12 -23.25 -23.81
C THR F 16 -12.42 -22.50 -24.07
N MET F 17 -12.80 -21.66 -23.11
CA MET F 17 -13.97 -20.81 -23.25
C MET F 17 -13.72 -19.46 -22.59
N ILE F 18 -14.37 -18.42 -23.10
CA ILE F 18 -14.30 -17.11 -22.46
C ILE F 18 -15.45 -17.00 -21.46
N TYR F 19 -15.12 -16.61 -20.25
CA TYR F 19 -16.15 -16.28 -19.27
C TYR F 19 -16.15 -14.78 -19.06
N SER F 20 -17.29 -14.15 -19.32
CA SER F 20 -17.42 -12.72 -19.10
C SER F 20 -18.03 -12.51 -17.73
N LEU F 21 -17.26 -11.91 -16.82
CA LEU F 21 -17.67 -11.87 -15.42
C LEU F 21 -18.04 -10.48 -14.90
N ASN F 22 -17.12 -9.53 -15.01
CA ASN F 22 -17.29 -8.21 -14.42
C ASN F 22 -17.69 -8.34 -12.95
N LYS F 23 -16.97 -9.20 -12.23
CA LYS F 23 -17.24 -9.42 -10.82
C LYS F 23 -15.94 -9.49 -10.03
N GLU F 24 -16.01 -9.13 -8.76
CA GLU F 24 -14.88 -9.30 -7.87
C GLU F 24 -14.79 -10.75 -7.43
N ILE F 25 -13.59 -11.19 -7.05
CA ILE F 25 -13.41 -12.52 -6.48
C ILE F 25 -14.04 -12.57 -5.09
N ALA F 26 -14.88 -13.57 -4.84
CA ALA F 26 -15.56 -13.70 -3.56
C ALA F 26 -14.74 -14.55 -2.58
N THR F 27 -14.05 -15.56 -3.10
CA THR F 27 -13.28 -16.46 -2.25
C THR F 27 -11.94 -16.78 -2.90
N TYR F 28 -10.87 -16.73 -2.10
CA TYR F 28 -9.53 -17.02 -2.57
C TYR F 28 -8.99 -18.14 -1.69
N THR F 29 -8.57 -19.25 -2.31
CA THR F 29 -8.05 -20.39 -1.55
C THR F 29 -6.67 -20.77 -2.07
N GLU F 30 -5.72 -20.95 -1.15
CA GLU F 30 -4.34 -21.23 -1.53
C GLU F 30 -3.81 -22.43 -0.74
N SER F 31 -3.21 -23.40 -1.44
CA SER F 31 -2.73 -24.61 -0.77
C SER F 31 -1.26 -24.88 -1.07
N LEU F 32 -0.49 -25.26 -0.05
CA LEU F 32 0.90 -25.66 -0.25
C LEU F 32 1.05 -27.17 -0.04
N ALA F 33 -0.08 -27.84 0.20
CA ALA F 33 -0.07 -29.28 0.48
C ALA F 33 0.45 -30.08 -0.71
N GLY F 34 1.23 -31.12 -0.39
CA GLY F 34 1.89 -31.93 -1.41
C GLY F 34 0.97 -32.46 -2.49
N LYS F 35 1.33 -32.20 -3.74
CA LYS F 35 0.59 -32.64 -4.93
C LYS F 35 -0.70 -31.82 -5.13
N ARG F 36 -0.97 -30.86 -4.23
CA ARG F 36 -2.11 -29.95 -4.38
C ARG F 36 -1.70 -28.50 -4.22
N GLU F 37 -0.55 -28.17 -4.78
CA GLU F 37 -0.01 -26.84 -4.68
C GLU F 37 -0.70 -25.95 -5.70
N MET F 38 -1.82 -25.36 -5.29
CA MET F 38 -2.71 -24.73 -6.24
C MET F 38 -3.45 -23.55 -5.63
N VAL F 39 -4.11 -22.78 -6.49
CA VAL F 39 -4.97 -21.68 -6.06
C VAL F 39 -6.35 -21.89 -6.66
N ILE F 40 -7.38 -21.69 -5.85
CA ILE F 40 -8.76 -21.78 -6.30
C ILE F 40 -9.46 -20.46 -5.99
N ILE F 41 -10.20 -19.93 -6.95
CA ILE F 41 -10.99 -18.74 -6.70
C ILE F 41 -12.45 -19.03 -7.02
N SER F 42 -13.35 -18.35 -6.34
CA SER F 42 -14.76 -18.44 -6.72
C SER F 42 -15.41 -17.07 -6.67
N PHE F 43 -16.49 -16.93 -7.42
CA PHE F 43 -17.24 -15.69 -7.53
C PHE F 43 -18.57 -15.88 -6.82
N SER F 44 -19.32 -14.79 -6.63
CA SER F 44 -20.53 -14.84 -5.81
C SER F 44 -21.62 -15.74 -6.38
N ASN F 45 -21.60 -15.95 -7.69
CA ASN F 45 -22.58 -16.83 -8.33
C ASN F 45 -22.16 -18.31 -8.28
N GLY F 46 -21.07 -18.58 -7.56
CA GLY F 46 -20.62 -19.94 -7.36
C GLY F 46 -19.61 -20.45 -8.39
N ALA F 47 -19.40 -19.69 -9.45
CA ALA F 47 -18.42 -20.05 -10.48
C ALA F 47 -17.04 -20.22 -9.86
N THR F 48 -16.39 -21.33 -10.16
CA THR F 48 -15.12 -21.68 -9.54
C THR F 48 -14.06 -21.95 -10.59
N PHE F 49 -12.84 -21.45 -10.35
CA PHE F 49 -11.70 -21.63 -11.24
C PHE F 49 -10.45 -22.00 -10.45
N GLN F 50 -9.52 -22.67 -11.11
CA GLN F 50 -8.24 -22.98 -10.49
C GLN F 50 -7.08 -22.47 -11.35
N VAL F 51 -5.94 -22.23 -10.71
CA VAL F 51 -4.66 -22.24 -11.38
C VAL F 51 -4.06 -23.60 -11.08
N GLU F 52 -3.77 -24.37 -12.11
CA GLU F 52 -3.41 -25.78 -11.91
C GLU F 52 -2.08 -25.97 -11.17
N VAL F 53 -1.98 -27.10 -10.49
CA VAL F 53 -0.70 -27.58 -9.99
C VAL F 53 0.25 -27.73 -11.17
N PRO F 54 1.48 -27.19 -11.05
CA PRO F 54 2.44 -27.32 -12.17
C PRO F 54 2.76 -28.78 -12.46
N GLY F 55 2.80 -29.13 -13.74
CA GLY F 55 3.01 -30.53 -14.10
C GLY F 55 3.51 -30.72 -15.51
N SER F 56 3.37 -31.94 -16.03
CA SER F 56 3.89 -32.29 -17.34
C SER F 56 3.10 -31.68 -18.49
N GLN F 57 1.90 -31.17 -18.20
CA GLN F 57 1.10 -30.48 -19.20
C GLN F 57 1.61 -29.05 -19.43
N HIS F 58 2.61 -28.65 -18.66
CA HIS F 58 3.15 -27.30 -18.76
C HIS F 58 4.54 -27.27 -19.38
N LEU F 59 4.74 -26.34 -20.31
CA LEU F 59 6.07 -26.07 -20.83
C LEU F 59 6.90 -25.40 -19.76
N GLU F 60 8.22 -25.48 -19.90
CA GLU F 60 9.09 -24.75 -19.01
C GLU F 60 8.80 -23.24 -19.05
N SER F 61 8.42 -22.76 -20.23
CA SER F 61 8.11 -21.34 -20.40
C SER F 61 6.83 -20.90 -19.66
N GLN F 62 6.07 -21.85 -19.13
CA GLN F 62 4.85 -21.55 -18.38
C GLN F 62 5.04 -21.51 -16.88
N LYS F 63 6.20 -21.92 -16.40
CA LYS F 63 6.40 -22.05 -14.96
C LYS F 63 6.32 -20.70 -14.22
N ARG F 64 7.05 -19.69 -14.70
CA ARG F 64 6.92 -18.37 -14.08
C ARG F 64 5.55 -17.73 -14.30
N PRO F 65 4.98 -17.83 -15.52
CA PRO F 65 3.61 -17.33 -15.70
C PRO F 65 2.57 -17.94 -14.79
N LEU F 66 2.71 -19.22 -14.44
CA LEU F 66 1.79 -19.82 -13.47
C LEU F 66 1.87 -19.04 -12.17
N GLU F 67 3.09 -18.74 -11.74
CA GLU F 67 3.30 -18.02 -10.50
C GLU F 67 2.82 -16.58 -10.60
N ARG F 68 3.04 -15.95 -11.75
CA ARG F 68 2.58 -14.58 -11.94
C ARG F 68 1.05 -14.50 -11.86
N MET F 69 0.36 -15.46 -12.48
CA MET F 69 -1.09 -15.48 -12.45
C MET F 69 -1.62 -15.61 -11.02
N LYS F 70 -0.98 -16.48 -10.23
CA LYS F 70 -1.37 -16.62 -8.84
C LYS F 70 -1.17 -15.30 -8.08
N ASP F 71 -0.09 -14.59 -8.39
CA ASP F 71 0.16 -13.28 -7.78
C ASP F 71 -0.95 -12.29 -8.17
N THR F 72 -1.29 -12.28 -9.44
CA THR F 72 -2.31 -11.37 -9.97
C THR F 72 -3.68 -11.64 -9.34
N LEU F 73 -4.05 -12.91 -9.22
CA LEU F 73 -5.33 -13.26 -8.60
C LEU F 73 -5.39 -12.88 -7.12
N ARG F 74 -4.28 -13.08 -6.40
CA ARG F 74 -4.23 -12.70 -4.99
C ARG F 74 -4.43 -11.18 -4.86
N ALA F 75 -3.71 -10.42 -5.69
CA ALA F 75 -3.82 -8.98 -5.68
C ALA F 75 -5.25 -8.55 -6.03
N ALA F 76 -5.83 -9.18 -7.03
CA ALA F 76 -7.22 -8.88 -7.41
C ALA F 76 -8.16 -9.16 -6.24
N TYR F 77 -7.95 -10.26 -5.54
CA TYR F 77 -8.80 -10.55 -4.38
C TYR F 77 -8.68 -9.46 -3.29
N PHE F 78 -7.43 -9.11 -2.95
CA PHE F 78 -7.16 -8.16 -1.85
C PHE F 78 -7.74 -6.77 -2.13
N THR F 79 -7.64 -6.36 -3.38
CA THR F 79 -8.05 -5.00 -3.77
C THR F 79 -9.55 -4.93 -4.10
N GLY F 80 -10.17 -6.09 -4.31
CA GLY F 80 -11.58 -6.15 -4.63
C GLY F 80 -11.92 -5.60 -6.00
N ILE F 81 -10.97 -5.63 -6.92
CA ILE F 81 -11.22 -5.14 -8.27
C ILE F 81 -12.05 -6.14 -9.06
N LYS F 82 -12.82 -5.63 -10.02
CA LYS F 82 -13.63 -6.51 -10.84
C LYS F 82 -12.73 -7.20 -11.86
N ILE F 83 -12.97 -8.49 -12.06
CA ILE F 83 -12.34 -9.22 -13.15
C ILE F 83 -13.26 -9.17 -14.37
N SER F 84 -12.74 -8.70 -15.49
CA SER F 84 -13.57 -8.53 -16.67
C SER F 84 -13.86 -9.87 -17.34
N LYS F 85 -12.81 -10.58 -17.72
CA LYS F 85 -12.95 -11.86 -18.40
C LYS F 85 -11.90 -12.86 -17.94
N LEU F 86 -12.27 -14.13 -17.93
CA LEU F 86 -11.32 -15.21 -17.79
C LEU F 86 -11.40 -16.10 -19.03
N CYS F 87 -10.24 -16.51 -19.51
CA CYS F 87 -10.18 -17.60 -20.47
C CYS F 87 -9.79 -18.88 -19.71
N ALA F 88 -10.58 -19.93 -19.81
CA ALA F 88 -10.31 -21.14 -19.04
C ALA F 88 -10.46 -22.44 -19.83
N TRP F 89 -9.63 -23.43 -19.52
CA TRP F 89 -9.81 -24.77 -20.06
C TRP F 89 -11.00 -25.39 -19.36
N THR F 90 -11.96 -25.87 -20.14
CA THR F 90 -13.21 -26.41 -19.61
C THR F 90 -13.18 -27.91 -19.38
N ASN F 91 -12.13 -28.57 -19.85
CA ASN F 91 -11.96 -29.99 -19.64
C ASN F 91 -11.14 -30.27 -18.39
N LYS F 92 -11.17 -29.31 -17.47
CA LYS F 92 -10.61 -29.46 -16.13
C LYS F 92 -11.70 -29.11 -15.13
N SER F 93 -11.65 -29.69 -13.95
CA SER F 93 -12.58 -29.33 -12.89
C SER F 93 -11.85 -29.05 -11.59
N PRO F 94 -11.95 -27.82 -11.06
CA PRO F 94 -12.61 -26.63 -11.61
C PRO F 94 -11.99 -26.21 -12.93
N ASN F 95 -12.71 -25.39 -13.69
CA ASN F 95 -12.20 -24.80 -14.91
C ASN F 95 -10.84 -24.15 -14.65
N SER F 96 -9.89 -24.34 -15.57
CA SER F 96 -8.51 -23.96 -15.33
C SER F 96 -8.12 -22.68 -16.08
N ILE F 97 -7.60 -21.68 -15.36
CA ILE F 97 -7.35 -20.37 -15.95
C ILE F 97 -6.14 -20.36 -16.88
N ALA F 98 -6.37 -19.88 -18.10
CA ALA F 98 -5.32 -19.69 -19.08
C ALA F 98 -4.94 -18.21 -19.21
N ALA F 99 -5.93 -17.34 -19.08
CA ALA F 99 -5.69 -15.91 -19.21
C ALA F 99 -6.74 -15.09 -18.47
N ILE F 100 -6.38 -13.85 -18.13
CA ILE F 100 -7.29 -12.96 -17.41
C ILE F 100 -7.30 -11.59 -18.07
N GLU F 101 -8.45 -10.94 -18.06
CA GLU F 101 -8.58 -9.56 -18.50
C GLU F 101 -9.18 -8.72 -17.39
N LEU F 102 -8.52 -7.60 -17.09
CA LEU F 102 -9.00 -6.59 -16.15
C LEU F 102 -9.31 -5.34 -16.97
N SER F 103 -10.45 -4.72 -16.74
CA SER F 103 -10.86 -3.58 -17.56
C SER F 103 -11.56 -2.45 -16.80
N ASN F 104 -11.35 -1.23 -17.25
CA ASN F 104 -12.00 -0.06 -16.67
C ASN F 104 -13.26 0.31 -17.46
#